data_1EWK
#
_entry.id   1EWK
#
_cell.length_a   83.375
_cell.length_b   95.219
_cell.length_c   97.451
_cell.angle_alpha   90.00
_cell.angle_beta   114.85
_cell.angle_gamma   90.00
#
_symmetry.space_group_name_H-M   'P 1 21 1'
#
loop_
_entity.id
_entity.type
_entity.pdbx_description
1 polymer 'METABOTROPIC GLUTAMATE RECEPTOR SUBTYPE 1'
2 non-polymer 2-acetamido-2-deoxy-beta-D-glucopyranose
3 non-polymer 'MAGNESIUM ION'
4 non-polymer 'GLUTAMIC ACID'
5 non-polymer '4-(2-HYDROXYETHYL)-1-PIPERAZINE ETHANESULFONIC ACID'
6 water water
#
_entity_poly.entity_id   1
_entity_poly.type   'polypeptide(L)'
_entity_poly.pdbx_seq_one_letter_code
;SSQRSVARMDGDVIIGALFSVHHQPPAEKVPERKCGEIREQYGIQRVEAMFHTLDKINADPVLLPNITLGSEIRDSCWHS
SVALEQSIEFIRDSLISIRDEKDGLNRCLPDGQTLPPGRTKKPIAGVIGPGSSSVAIQVQNLLQLFDIPQIAYSATSIDL
SDKTLYKYFLRVVPSDTLQARAMLDIVKRYNWTYVSAVHTEGNYGESGMDAFKELAAQEGLCIAHSDKIYSNAGEKSFDR
LLRKLRERLPKARVVVCFCEGMTVRGLLSAMRRLGVVGEFSLIGSDGWADRDEVIEGYEVEANGGITIKLQSPEVRSFDD
YFLKLRLDTNTRNPWFPEFWQHRFQCRLPGHLLENPNFKKVCTGNESLEENYVQDSKMGFVINAIYAMAHGLQNMHHALC
PGHVGLCDAMKPIDGRKLLDFLIKSSFVGVSGEEVWFDEKGDAPGRYDIMNLQYTEANRYDYVHVGTWHEGVLNIDDYKI
QMNKSGMVRS
;
_entity_poly.pdbx_strand_id   A,B
#
loop_
_chem_comp.id
_chem_comp.type
_chem_comp.name
_chem_comp.formula
EPE non-polymer '4-(2-HYDROXYETHYL)-1-PIPERAZINE ETHANESULFONIC ACID' 'C8 H18 N2 O4 S'
MG non-polymer 'MAGNESIUM ION' 'Mg 2'
NAG D-saccharide, beta linking 2-acetamido-2-deoxy-beta-D-glucopyranose 'C8 H15 N O6'
#
# COMPACT_ATOMS: atom_id res chain seq x y z
N ARG A 4 21.04 2.26 -12.66
CA ARG A 4 20.82 3.57 -12.00
C ARG A 4 22.08 3.96 -11.23
N SER A 5 22.44 5.24 -11.27
CA SER A 5 23.64 5.73 -10.58
C SER A 5 23.59 5.49 -9.08
N VAL A 6 24.77 5.31 -8.47
CA VAL A 6 24.87 5.07 -7.04
C VAL A 6 26.08 5.81 -6.45
N ALA A 7 25.84 6.58 -5.39
CA ALA A 7 26.91 7.31 -4.74
C ALA A 7 27.52 6.40 -3.69
N ARG A 8 28.82 6.14 -3.82
CA ARG A 8 29.51 5.26 -2.88
C ARG A 8 30.71 5.87 -2.18
N MET A 9 31.04 5.27 -1.04
CA MET A 9 32.17 5.64 -0.21
C MET A 9 32.50 4.33 0.50
N ASP A 10 33.71 3.81 0.30
CA ASP A 10 34.08 2.55 0.93
C ASP A 10 34.39 2.73 2.41
N GLY A 11 34.32 1.63 3.16
CA GLY A 11 34.59 1.68 4.58
C GLY A 11 34.42 0.29 5.18
N ASP A 12 34.69 0.15 6.48
CA ASP A 12 34.57 -1.14 7.12
C ASP A 12 33.10 -1.58 7.24
N VAL A 13 32.22 -0.64 7.57
CA VAL A 13 30.79 -0.93 7.69
C VAL A 13 30.04 -0.01 6.73
N ILE A 14 29.24 -0.60 5.85
CA ILE A 14 28.50 0.16 4.85
C ILE A 14 27.05 0.48 5.22
N ILE A 15 26.72 1.77 5.18
CA ILE A 15 25.37 2.24 5.49
C ILE A 15 24.65 2.64 4.21
N GLY A 16 23.46 2.07 3.99
CA GLY A 16 22.71 2.41 2.80
C GLY A 16 21.86 3.66 3.05
N ALA A 17 21.43 4.31 1.98
CA ALA A 17 20.60 5.49 2.12
C ALA A 17 19.72 5.63 0.89
N LEU A 18 18.52 6.17 1.10
CA LEU A 18 17.58 6.39 0.03
C LEU A 18 17.12 7.85 0.13
N PHE A 19 17.39 8.61 -0.92
CA PHE A 19 17.02 10.02 -0.96
C PHE A 19 16.33 10.28 -2.29
N SER A 20 15.50 11.32 -2.31
CA SER A 20 14.78 11.66 -3.54
C SER A 20 15.68 12.56 -4.43
N VAL A 21 16.70 11.96 -5.03
CA VAL A 21 17.60 12.71 -5.90
C VAL A 21 16.84 13.33 -7.08
N HIS A 22 15.84 12.61 -7.58
CA HIS A 22 15.00 13.10 -8.67
C HIS A 22 13.53 13.06 -8.25
N HIS A 23 12.69 13.82 -8.95
CA HIS A 23 11.27 13.80 -8.66
C HIS A 23 10.72 12.45 -9.12
N GLN A 24 9.53 12.10 -8.65
CA GLN A 24 8.96 10.81 -9.02
C GLN A 24 8.69 10.76 -10.52
N PRO A 25 8.60 9.54 -11.07
CA PRO A 25 8.36 9.37 -12.51
C PRO A 25 6.99 9.91 -12.89
N PRO A 26 6.85 10.43 -14.12
CA PRO A 26 5.54 10.93 -14.53
C PRO A 26 4.58 9.73 -14.48
N ALA A 27 3.34 9.97 -14.09
CA ALA A 27 2.34 8.90 -13.99
C ALA A 27 2.45 7.82 -15.06
N GLU A 28 2.75 8.23 -16.30
CA GLU A 28 2.87 7.31 -17.42
C GLU A 28 4.18 6.54 -17.48
N LYS A 29 5.22 7.05 -16.84
CA LYS A 29 6.53 6.39 -16.86
C LYS A 29 6.78 5.43 -15.70
N VAL A 30 5.84 5.38 -14.75
CA VAL A 30 6.00 4.50 -13.60
C VAL A 30 6.43 3.08 -13.95
N PRO A 31 5.80 2.47 -14.97
CA PRO A 31 6.18 1.11 -15.34
C PRO A 31 7.66 0.93 -15.72
N GLU A 32 8.23 1.90 -16.44
CA GLU A 32 9.64 1.79 -16.84
C GLU A 32 10.57 2.46 -15.81
N ARG A 33 9.96 3.01 -14.75
CA ARG A 33 10.70 3.64 -13.67
C ARG A 33 11.72 4.71 -14.11
N LYS A 34 11.28 5.62 -14.97
CA LYS A 34 12.12 6.73 -15.46
C LYS A 34 11.71 7.93 -14.62
N CYS A 35 12.63 8.47 -13.83
CA CYS A 35 12.31 9.58 -12.95
C CYS A 35 12.30 10.98 -13.55
N GLY A 36 11.77 11.92 -12.77
CA GLY A 36 11.68 13.31 -13.19
C GLY A 36 12.98 14.09 -13.05
N GLU A 37 12.88 15.40 -12.91
CA GLU A 37 14.07 16.23 -12.79
C GLU A 37 14.77 16.22 -11.44
N ILE A 38 16.06 16.52 -11.50
CA ILE A 38 16.94 16.57 -10.34
C ILE A 38 16.39 17.50 -9.25
N ARG A 39 16.64 17.15 -7.99
CA ARG A 39 16.17 17.95 -6.85
C ARG A 39 17.35 18.36 -5.99
N GLU A 40 17.25 19.51 -5.32
CA GLU A 40 18.33 19.97 -4.46
C GLU A 40 18.09 19.70 -2.97
N GLN A 41 17.09 20.35 -2.38
CA GLN A 41 16.81 20.15 -0.96
C GLN A 41 16.56 18.69 -0.57
N TYR A 42 15.74 17.99 -1.36
CA TYR A 42 15.41 16.59 -1.10
C TYR A 42 16.35 15.58 -1.76
N GLY A 43 17.20 16.06 -2.66
CA GLY A 43 18.11 15.16 -3.35
C GLY A 43 19.58 15.41 -3.06
N ILE A 44 20.20 16.23 -3.91
CA ILE A 44 21.62 16.56 -3.80
C ILE A 44 22.09 16.98 -2.41
N GLN A 45 21.36 17.90 -1.78
CA GLN A 45 21.74 18.35 -0.45
C GLN A 45 21.80 17.21 0.56
N ARG A 46 20.89 16.25 0.45
CA ARG A 46 20.87 15.12 1.38
C ARG A 46 22.00 14.15 1.05
N VAL A 47 22.26 13.96 -0.24
CA VAL A 47 23.35 13.09 -0.64
C VAL A 47 24.67 13.63 -0.10
N GLU A 48 24.87 14.94 -0.22
CA GLU A 48 26.10 15.56 0.26
C GLU A 48 26.16 15.57 1.77
N ALA A 49 25.00 15.72 2.42
CA ALA A 49 24.93 15.73 3.88
C ALA A 49 25.40 14.39 4.43
N MET A 50 25.15 13.31 3.70
CA MET A 50 25.57 11.98 4.12
C MET A 50 27.09 11.89 4.01
N PHE A 51 27.62 12.30 2.86
CA PHE A 51 29.07 12.29 2.62
C PHE A 51 29.77 13.08 3.72
N HIS A 52 29.27 14.30 3.95
CA HIS A 52 29.83 15.20 4.95
C HIS A 52 29.80 14.62 6.36
N THR A 53 28.66 14.05 6.75
CA THR A 53 28.52 13.48 8.07
C THR A 53 29.46 12.30 8.26
N LEU A 54 29.58 11.45 7.24
CA LEU A 54 30.45 10.30 7.33
C LEU A 54 31.92 10.74 7.39
N ASP A 55 32.26 11.84 6.71
CA ASP A 55 33.63 12.35 6.73
C ASP A 55 33.97 12.71 8.16
N LYS A 56 33.11 13.50 8.78
CA LYS A 56 33.31 13.94 10.15
C LYS A 56 33.42 12.75 11.11
N ILE A 57 32.45 11.85 11.05
CA ILE A 57 32.45 10.68 11.92
C ILE A 57 33.75 9.90 11.77
N ASN A 58 34.21 9.73 10.53
CA ASN A 58 35.44 8.99 10.30
C ASN A 58 36.68 9.78 10.76
N ALA A 59 36.52 11.09 10.95
CA ALA A 59 37.62 11.93 11.40
C ALA A 59 37.53 12.12 12.92
N ASP A 60 36.48 11.56 13.52
CA ASP A 60 36.27 11.65 14.95
C ASP A 60 36.96 10.47 15.64
N PRO A 61 37.77 10.76 16.67
CA PRO A 61 38.51 9.75 17.44
C PRO A 61 37.68 8.99 18.47
N VAL A 62 36.69 9.67 19.04
CA VAL A 62 35.82 9.08 20.05
C VAL A 62 34.74 8.16 19.48
N LEU A 63 34.00 8.65 18.49
CA LEU A 63 32.94 7.84 17.89
C LEU A 63 33.49 6.87 16.86
N LEU A 64 33.35 5.58 17.16
CA LEU A 64 33.85 4.52 16.28
C LEU A 64 35.34 4.75 15.96
N PRO A 65 36.19 4.73 16.99
CA PRO A 65 37.64 4.92 16.90
C PRO A 65 38.31 4.40 15.63
N ASN A 66 38.45 3.08 15.53
CA ASN A 66 39.11 2.51 14.35
C ASN A 66 38.16 1.72 13.46
N ILE A 67 37.00 2.30 13.21
CA ILE A 67 36.00 1.69 12.36
C ILE A 67 35.45 2.78 11.43
N THR A 68 35.76 2.68 10.14
CA THR A 68 35.29 3.67 9.19
C THR A 68 33.92 3.31 8.62
N LEU A 69 33.07 4.32 8.50
CA LEU A 69 31.74 4.13 7.95
C LEU A 69 31.71 4.43 6.46
N GLY A 70 31.21 3.47 5.69
CA GLY A 70 31.10 3.67 4.25
C GLY A 70 29.65 3.89 3.91
N SER A 71 29.33 4.04 2.62
CA SER A 71 27.95 4.25 2.24
C SER A 71 27.62 3.79 0.83
N GLU A 72 26.34 3.60 0.59
CA GLU A 72 25.81 3.21 -0.71
C GLU A 72 24.51 4.00 -0.76
N ILE A 73 24.59 5.18 -1.40
CA ILE A 73 23.47 6.10 -1.51
C ILE A 73 22.73 5.89 -2.82
N ARG A 74 21.43 5.61 -2.71
CA ARG A 74 20.60 5.35 -3.88
C ARG A 74 19.43 6.32 -4.03
N ASP A 75 18.97 6.47 -5.26
CA ASP A 75 17.87 7.37 -5.59
C ASP A 75 16.54 6.64 -5.45
N SER A 76 15.62 7.23 -4.70
CA SER A 76 14.29 6.64 -4.49
C SER A 76 13.25 7.30 -5.39
N CYS A 77 13.59 8.47 -5.92
CA CYS A 77 12.69 9.26 -6.77
C CYS A 77 11.35 9.45 -6.06
N TRP A 78 11.37 9.39 -4.73
CA TRP A 78 10.15 9.55 -3.94
C TRP A 78 9.05 8.70 -4.53
N HIS A 79 9.37 7.44 -4.83
CA HIS A 79 8.40 6.52 -5.43
C HIS A 79 8.65 5.08 -4.97
N SER A 80 7.59 4.43 -4.51
CA SER A 80 7.68 3.06 -4.01
C SER A 80 8.32 2.06 -4.96
N SER A 81 8.02 2.17 -6.25
CA SER A 81 8.56 1.24 -7.22
C SER A 81 10.07 1.42 -7.43
N VAL A 82 10.51 2.66 -7.56
CA VAL A 82 11.95 2.91 -7.72
C VAL A 82 12.66 2.56 -6.41
N ALA A 83 12.07 2.96 -5.28
CA ALA A 83 12.67 2.67 -3.97
C ALA A 83 12.84 1.16 -3.77
N LEU A 84 11.82 0.39 -4.13
CA LEU A 84 11.89 -1.06 -3.99
C LEU A 84 12.93 -1.63 -4.94
N GLU A 85 12.99 -1.08 -6.14
CA GLU A 85 13.97 -1.53 -7.13
C GLU A 85 15.37 -1.37 -6.55
N GLN A 86 15.61 -0.21 -5.95
CA GLN A 86 16.91 0.10 -5.36
C GLN A 86 17.17 -0.65 -4.07
N SER A 87 16.13 -0.96 -3.31
CA SER A 87 16.31 -1.69 -2.06
C SER A 87 16.73 -3.12 -2.40
N ILE A 88 16.24 -3.62 -3.53
CA ILE A 88 16.61 -4.96 -3.96
C ILE A 88 18.11 -5.00 -4.24
N GLU A 89 18.64 -3.90 -4.76
CA GLU A 89 20.07 -3.81 -5.05
C GLU A 89 20.88 -3.85 -3.74
N PHE A 90 20.32 -3.32 -2.66
CA PHE A 90 21.00 -3.33 -1.36
C PHE A 90 21.25 -4.75 -0.88
N ILE A 91 20.34 -5.66 -1.20
CA ILE A 91 20.47 -7.04 -0.73
C ILE A 91 20.81 -8.08 -1.79
N ARG A 92 20.97 -7.65 -3.04
CA ARG A 92 21.30 -8.59 -4.12
C ARG A 92 22.55 -9.40 -3.81
N LYS A 122 30.48 -5.90 0.27
CA LYS A 122 30.12 -5.73 1.67
C LYS A 122 28.62 -5.57 1.85
N PRO A 123 28.02 -6.32 2.79
CA PRO A 123 26.57 -6.24 3.03
C PRO A 123 26.18 -4.95 3.75
N ILE A 124 24.99 -4.44 3.43
CA ILE A 124 24.47 -3.22 4.03
C ILE A 124 24.14 -3.47 5.51
N ALA A 125 24.63 -2.61 6.39
CA ALA A 125 24.37 -2.78 7.82
C ALA A 125 23.02 -2.19 8.24
N GLY A 126 22.66 -1.06 7.63
CA GLY A 126 21.41 -0.40 7.92
C GLY A 126 21.11 0.58 6.83
N VAL A 127 19.90 1.12 6.81
CA VAL A 127 19.51 2.06 5.79
C VAL A 127 18.92 3.34 6.37
N ILE A 128 19.25 4.46 5.74
CA ILE A 128 18.76 5.76 6.14
C ILE A 128 17.70 6.16 5.10
N GLY A 129 16.49 6.50 5.54
CA GLY A 129 15.43 6.87 4.61
C GLY A 129 14.47 5.72 4.33
N PRO A 130 13.57 5.84 3.33
CA PRO A 130 13.34 6.98 2.44
C PRO A 130 12.51 8.05 3.13
N GLY A 131 12.23 9.15 2.43
CA GLY A 131 11.49 10.24 3.04
C GLY A 131 9.97 10.15 3.19
N SER A 132 9.32 9.39 2.31
CA SER A 132 7.87 9.27 2.34
C SER A 132 7.40 8.08 3.19
N SER A 133 6.32 8.25 3.93
CA SER A 133 5.81 7.17 4.76
C SER A 133 5.40 5.96 3.91
N SER A 134 4.67 6.20 2.82
CA SER A 134 4.24 5.12 1.94
C SER A 134 5.47 4.41 1.42
N VAL A 135 6.41 5.19 0.89
CA VAL A 135 7.62 4.63 0.35
C VAL A 135 8.41 3.90 1.43
N ALA A 136 8.44 4.47 2.62
CA ALA A 136 9.17 3.87 3.75
C ALA A 136 8.59 2.50 4.11
N ILE A 137 7.27 2.38 4.04
CA ILE A 137 6.59 1.13 4.34
C ILE A 137 6.98 0.07 3.31
N GLN A 138 7.06 0.47 2.06
CA GLN A 138 7.44 -0.42 0.98
C GLN A 138 8.85 -0.95 1.22
N VAL A 139 9.76 -0.05 1.58
CA VAL A 139 11.14 -0.42 1.84
C VAL A 139 11.28 -1.31 3.09
N GLN A 140 10.61 -0.92 4.17
CA GLN A 140 10.65 -1.67 5.41
C GLN A 140 10.12 -3.09 5.22
N ASN A 141 9.09 -3.24 4.39
CA ASN A 141 8.52 -4.57 4.12
C ASN A 141 9.56 -5.53 3.54
N LEU A 142 10.54 -4.99 2.83
CA LEU A 142 11.59 -5.82 2.25
C LEU A 142 12.77 -5.95 3.22
N LEU A 143 13.24 -4.82 3.73
CA LEU A 143 14.38 -4.81 4.65
C LEU A 143 14.22 -5.69 5.88
N GLN A 144 13.05 -5.69 6.48
CA GLN A 144 12.83 -6.49 7.67
C GLN A 144 13.07 -7.98 7.41
N LEU A 145 12.91 -8.41 6.15
CA LEU A 145 13.11 -9.81 5.80
C LEU A 145 14.58 -10.19 5.90
N PHE A 146 15.46 -9.21 5.81
CA PHE A 146 16.89 -9.46 5.90
C PHE A 146 17.48 -8.87 7.18
N ASP A 147 16.61 -8.55 8.14
CA ASP A 147 17.00 -7.99 9.43
C ASP A 147 17.87 -6.75 9.31
N ILE A 148 17.50 -5.86 8.39
CA ILE A 148 18.25 -4.63 8.20
C ILE A 148 17.50 -3.45 8.80
N PRO A 149 18.04 -2.87 9.88
CA PRO A 149 17.35 -1.73 10.49
C PRO A 149 17.28 -0.51 9.55
N GLN A 150 16.20 0.25 9.70
CA GLN A 150 15.96 1.41 8.87
C GLN A 150 15.62 2.60 9.76
N ILE A 151 16.26 3.73 9.50
CA ILE A 151 16.02 4.94 10.28
C ILE A 151 15.55 6.06 9.36
N ALA A 152 14.37 6.60 9.63
CA ALA A 152 13.82 7.66 8.81
C ALA A 152 14.07 9.04 9.40
N TYR A 153 14.11 10.03 8.52
CA TYR A 153 14.32 11.41 8.92
C TYR A 153 13.12 12.29 8.58
N SER A 154 12.07 11.70 8.00
CA SER A 154 10.87 12.48 7.66
C SER A 154 9.56 11.70 7.54
N ALA A 155 9.62 10.38 7.68
CA ALA A 155 8.41 9.54 7.61
C ALA A 155 7.74 9.62 8.96
N THR A 156 6.62 10.35 9.02
CA THR A 156 5.90 10.60 10.27
C THR A 156 4.62 9.80 10.53
N SER A 157 4.22 8.95 9.59
CA SER A 157 2.98 8.19 9.76
C SER A 157 2.85 7.41 11.07
N ILE A 158 1.66 7.52 11.66
CA ILE A 158 1.34 6.84 12.90
C ILE A 158 1.47 5.32 12.73
N ASP A 159 1.19 4.83 11.53
CA ASP A 159 1.26 3.39 11.26
C ASP A 159 2.63 2.78 11.45
N LEU A 160 3.68 3.53 11.15
CA LEU A 160 5.03 3.01 11.29
C LEU A 160 5.44 2.73 12.74
N SER A 161 4.61 3.15 13.69
CA SER A 161 4.87 2.91 15.11
C SER A 161 4.48 1.47 15.49
N ASP A 162 3.81 0.76 14.59
CA ASP A 162 3.38 -0.61 14.86
C ASP A 162 4.56 -1.55 14.64
N LYS A 163 5.19 -1.99 15.72
CA LYS A 163 6.36 -2.86 15.62
C LYS A 163 6.08 -4.31 15.21
N THR A 164 4.81 -4.73 15.22
CA THR A 164 4.53 -6.10 14.81
C THR A 164 4.64 -6.14 13.28
N LEU A 165 4.33 -5.02 12.64
CA LEU A 165 4.41 -4.93 11.17
C LEU A 165 5.70 -4.29 10.68
N TYR A 166 6.26 -3.40 11.50
CA TYR A 166 7.48 -2.69 11.11
C TYR A 166 8.57 -2.77 12.19
N LYS A 167 8.91 -3.98 12.58
CA LYS A 167 9.89 -4.20 13.63
C LYS A 167 11.25 -3.51 13.44
N TYR A 168 11.77 -3.51 12.22
CA TYR A 168 13.10 -2.93 11.96
C TYR A 168 13.07 -1.43 11.57
N PHE A 169 12.00 -0.73 11.93
CA PHE A 169 11.88 0.68 11.60
C PHE A 169 11.94 1.58 12.83
N LEU A 170 12.70 2.65 12.72
CA LEU A 170 12.81 3.65 13.78
C LEU A 170 13.00 4.99 13.07
N ARG A 171 12.86 6.09 13.80
CA ARG A 171 12.97 7.41 13.20
C ARG A 171 13.36 8.49 14.21
N VAL A 172 13.95 9.57 13.69
CA VAL A 172 14.39 10.67 14.53
C VAL A 172 13.37 11.80 14.57
N VAL A 173 12.19 11.54 14.01
CA VAL A 173 11.08 12.51 14.01
C VAL A 173 9.89 11.91 14.75
N PRO A 174 9.01 12.75 15.31
CA PRO A 174 7.82 12.31 16.05
C PRO A 174 6.70 11.87 15.11
N SER A 175 5.88 10.91 15.55
CA SER A 175 4.78 10.43 14.73
C SER A 175 3.69 11.50 14.65
N ASP A 176 2.82 11.39 13.65
CA ASP A 176 1.78 12.38 13.48
C ASP A 176 0.64 12.35 14.48
N THR A 177 0.75 11.49 15.50
CA THR A 177 -0.28 11.47 16.53
C THR A 177 -0.23 12.88 17.11
N LEU A 178 0.97 13.43 17.19
CA LEU A 178 1.16 14.77 17.72
C LEU A 178 0.79 15.86 16.72
N GLN A 179 1.28 15.75 15.49
CA GLN A 179 0.96 16.77 14.49
C GLN A 179 -0.54 16.94 14.28
N ALA A 180 -1.28 15.84 14.33
CA ALA A 180 -2.73 15.91 14.15
C ALA A 180 -3.34 16.71 15.30
N ARG A 181 -2.81 16.51 16.51
CA ARG A 181 -3.30 17.22 17.69
C ARG A 181 -2.95 18.70 17.56
N ALA A 182 -1.75 18.99 17.07
CA ALA A 182 -1.33 20.37 16.89
C ALA A 182 -2.25 21.04 15.88
N MET A 183 -2.57 20.34 14.79
CA MET A 183 -3.43 20.91 13.78
C MET A 183 -4.84 21.20 14.32
N LEU A 184 -5.38 20.29 15.13
CA LEU A 184 -6.70 20.52 15.69
C LEU A 184 -6.68 21.71 16.64
N ASP A 185 -5.62 21.82 17.44
CA ASP A 185 -5.51 22.92 18.38
C ASP A 185 -5.52 24.27 17.67
N ILE A 186 -4.86 24.35 16.52
CA ILE A 186 -4.85 25.59 15.76
C ILE A 186 -6.28 25.94 15.32
N VAL A 187 -7.00 24.95 14.81
CA VAL A 187 -8.38 25.18 14.37
C VAL A 187 -9.24 25.65 15.54
N LYS A 188 -9.06 25.01 16.70
CA LYS A 188 -9.82 25.37 17.90
C LYS A 188 -9.46 26.79 18.33
N ARG A 189 -8.17 27.09 18.32
CA ARG A 189 -7.66 28.40 18.69
C ARG A 189 -8.49 29.52 18.07
N TYR A 190 -8.72 29.44 16.77
CA TYR A 190 -9.47 30.51 16.08
C TYR A 190 -10.97 30.21 15.89
N ASN A 191 -11.52 29.49 16.85
CA ASN A 191 -12.95 29.17 16.88
C ASN A 191 -13.58 28.71 15.58
N TRP A 192 -12.78 28.10 14.70
CA TRP A 192 -13.32 27.59 13.45
C TRP A 192 -14.05 26.31 13.78
N THR A 193 -15.32 26.23 13.39
CA THR A 193 -16.11 25.04 13.70
C THR A 193 -16.49 24.25 12.46
N TYR A 194 -16.33 24.88 11.29
CA TYR A 194 -16.66 24.25 10.03
C TYR A 194 -15.47 24.31 9.08
N VAL A 195 -14.81 23.17 8.88
CA VAL A 195 -13.64 23.12 7.99
C VAL A 195 -13.73 22.01 6.97
N SER A 196 -13.00 22.18 5.86
CA SER A 196 -12.93 21.18 4.81
C SER A 196 -11.63 20.44 5.03
N ALA A 197 -11.54 19.22 4.53
CA ALA A 197 -10.33 18.43 4.71
C ALA A 197 -9.82 17.81 3.42
N VAL A 198 -8.52 17.92 3.21
CA VAL A 198 -7.88 17.37 2.03
C VAL A 198 -6.59 16.68 2.44
N HIS A 199 -6.32 15.51 1.88
CA HIS A 199 -5.07 14.84 2.17
C HIS A 199 -4.52 14.18 0.92
N THR A 200 -3.22 13.93 0.91
CA THR A 200 -2.57 13.29 -0.22
C THR A 200 -2.75 11.78 -0.13
N GLU A 201 -3.16 11.17 -1.24
CA GLU A 201 -3.35 9.73 -1.27
C GLU A 201 -2.06 9.10 -0.80
N GLY A 202 -2.16 8.06 0.01
CA GLY A 202 -0.98 7.41 0.50
C GLY A 202 -1.04 7.37 2.01
N ASN A 203 -0.13 6.62 2.61
CA ASN A 203 -0.12 6.46 4.04
C ASN A 203 0.06 7.73 4.90
N TYR A 204 0.92 8.65 4.45
CA TYR A 204 1.13 9.89 5.21
C TYR A 204 -0.15 10.72 5.35
N GLY A 205 -0.75 11.09 4.22
CA GLY A 205 -1.97 11.88 4.28
C GLY A 205 -3.15 11.17 4.90
N GLU A 206 -3.31 9.91 4.55
CA GLU A 206 -4.42 9.10 5.06
C GLU A 206 -4.38 8.86 6.57
N SER A 207 -3.22 8.46 7.08
CA SER A 207 -3.09 8.20 8.51
C SER A 207 -3.18 9.49 9.30
N GLY A 208 -2.57 10.56 8.77
CA GLY A 208 -2.60 11.83 9.46
C GLY A 208 -4.00 12.42 9.50
N MET A 209 -4.69 12.39 8.36
CA MET A 209 -6.05 12.92 8.31
C MET A 209 -7.03 12.10 9.15
N ASP A 210 -6.86 10.77 9.18
CA ASP A 210 -7.74 9.93 9.98
C ASP A 210 -7.60 10.29 11.47
N ALA A 211 -6.37 10.53 11.91
CA ALA A 211 -6.13 10.89 13.30
C ALA A 211 -6.81 12.24 13.58
N PHE A 212 -6.66 13.18 12.65
CA PHE A 212 -7.27 14.50 12.79
C PHE A 212 -8.79 14.41 12.88
N LYS A 213 -9.38 13.64 11.97
CA LYS A 213 -10.83 13.47 11.95
C LYS A 213 -11.33 12.80 13.22
N GLU A 214 -10.52 11.89 13.77
CA GLU A 214 -10.91 11.21 15.00
C GLU A 214 -10.95 12.24 16.13
N LEU A 215 -9.95 13.11 16.16
CA LEU A 215 -9.90 14.16 17.18
C LEU A 215 -11.08 15.12 16.98
N ALA A 216 -11.32 15.49 15.73
CA ALA A 216 -12.42 16.41 15.40
C ALA A 216 -13.75 15.84 15.87
N ALA A 217 -13.97 14.55 15.65
CA ALA A 217 -15.22 13.90 16.06
C ALA A 217 -15.39 13.97 17.57
N GLN A 218 -14.31 13.74 18.30
CA GLN A 218 -14.34 13.79 19.76
C GLN A 218 -14.71 15.18 20.26
N GLU A 219 -14.13 16.20 19.62
CA GLU A 219 -14.35 17.59 19.97
C GLU A 219 -15.63 18.20 19.40
N GLY A 220 -16.31 17.46 18.53
CA GLY A 220 -17.52 18.00 17.94
C GLY A 220 -17.28 18.97 16.80
N LEU A 221 -16.08 18.94 16.22
CA LEU A 221 -15.74 19.81 15.10
C LEU A 221 -16.29 19.18 13.81
N CYS A 222 -16.99 19.97 13.01
CA CYS A 222 -17.57 19.45 11.79
C CYS A 222 -16.69 19.59 10.55
N ILE A 223 -16.64 18.53 9.76
CA ILE A 223 -15.88 18.50 8.53
C ILE A 223 -16.88 18.75 7.41
N ALA A 224 -16.75 19.88 6.73
CA ALA A 224 -17.66 20.24 5.65
C ALA A 224 -17.48 19.28 4.47
N HIS A 225 -16.39 19.47 3.74
CA HIS A 225 -16.06 18.67 2.58
C HIS A 225 -14.76 17.90 2.86
N SER A 226 -14.68 16.68 2.36
CA SER A 226 -13.50 15.87 2.55
C SER A 226 -13.07 15.29 1.21
N ASP A 227 -11.79 15.38 0.88
CA ASP A 227 -11.30 14.86 -0.39
C ASP A 227 -9.85 14.44 -0.29
N LYS A 228 -9.39 13.70 -1.31
CA LYS A 228 -8.02 13.23 -1.37
C LYS A 228 -7.56 13.25 -2.82
N ILE A 229 -6.25 13.22 -3.03
CA ILE A 229 -5.72 13.25 -4.39
C ILE A 229 -4.25 12.86 -4.39
N TYR A 230 -3.76 12.34 -5.52
CA TYR A 230 -2.35 11.98 -5.62
C TYR A 230 -1.56 13.23 -5.96
N SER A 231 -0.37 13.37 -5.40
CA SER A 231 0.47 14.53 -5.67
C SER A 231 0.71 14.71 -7.17
N ASN A 232 0.83 13.61 -7.89
CA ASN A 232 1.09 13.66 -9.32
C ASN A 232 -0.16 13.57 -10.18
N ALA A 233 -1.31 13.88 -9.59
CA ALA A 233 -2.56 13.84 -10.34
C ALA A 233 -2.53 14.92 -11.41
N GLY A 234 -3.31 14.74 -12.47
CA GLY A 234 -3.34 15.73 -13.53
C GLY A 234 -4.00 17.03 -13.14
N GLU A 235 -3.83 18.06 -13.96
CA GLU A 235 -4.42 19.36 -13.67
C GLU A 235 -5.93 19.29 -13.61
N LYS A 236 -6.53 18.43 -14.43
CA LYS A 236 -7.97 18.28 -14.44
C LYS A 236 -8.45 17.77 -13.09
N SER A 237 -7.66 16.91 -12.46
CA SER A 237 -8.01 16.38 -11.15
C SER A 237 -7.95 17.49 -10.10
N PHE A 238 -6.89 18.30 -10.14
CA PHE A 238 -6.79 19.39 -9.19
C PHE A 238 -7.87 20.42 -9.45
N ASP A 239 -8.30 20.53 -10.71
CA ASP A 239 -9.35 21.47 -11.05
C ASP A 239 -10.63 21.01 -10.36
N ARG A 240 -10.88 19.70 -10.42
CA ARG A 240 -12.07 19.12 -9.82
C ARG A 240 -12.03 19.31 -8.30
N LEU A 241 -10.87 19.01 -7.71
CA LEU A 241 -10.69 19.16 -6.28
C LEU A 241 -11.05 20.57 -5.84
N LEU A 242 -10.48 21.56 -6.52
CA LEU A 242 -10.76 22.96 -6.19
C LEU A 242 -12.24 23.31 -6.32
N ARG A 243 -12.84 22.87 -7.43
CA ARG A 243 -14.25 23.16 -7.67
C ARG A 243 -15.11 22.66 -6.50
N LYS A 244 -14.86 21.42 -6.09
CA LYS A 244 -15.61 20.82 -4.98
C LYS A 244 -15.44 21.60 -3.67
N LEU A 245 -14.26 22.17 -3.46
CA LEU A 245 -14.00 22.95 -2.25
C LEU A 245 -14.76 24.26 -2.30
N ARG A 246 -14.72 24.94 -3.45
CA ARG A 246 -15.39 26.22 -3.61
C ARG A 246 -16.89 26.11 -3.40
N GLU A 247 -17.46 24.98 -3.81
CA GLU A 247 -18.90 24.75 -3.66
C GLU A 247 -19.33 24.81 -2.20
N ARG A 248 -18.42 24.52 -1.28
CA ARG A 248 -18.73 24.53 0.14
C ARG A 248 -18.55 25.90 0.78
N LEU A 249 -18.28 26.90 -0.04
CA LEU A 249 -18.12 28.27 0.46
C LEU A 249 -19.51 28.87 0.62
N PRO A 250 -19.63 29.95 1.41
CA PRO A 250 -18.54 30.61 2.13
C PRO A 250 -18.40 30.10 3.56
N LYS A 251 -19.25 29.14 3.93
CA LYS A 251 -19.23 28.59 5.27
C LYS A 251 -17.99 27.74 5.53
N ALA A 252 -17.47 27.09 4.49
CA ALA A 252 -16.28 26.27 4.63
C ALA A 252 -15.07 26.93 3.96
N ARG A 253 -14.53 27.95 4.62
CA ARG A 253 -13.39 28.69 4.11
C ARG A 253 -12.06 28.07 4.56
N VAL A 254 -12.06 27.42 5.71
CA VAL A 254 -10.85 26.82 6.25
C VAL A 254 -10.62 25.42 5.68
N VAL A 255 -9.42 25.19 5.15
CA VAL A 255 -9.06 23.92 4.56
C VAL A 255 -7.83 23.33 5.27
N VAL A 256 -8.02 22.18 5.90
CA VAL A 256 -6.92 21.48 6.57
C VAL A 256 -6.34 20.53 5.53
N CYS A 257 -5.05 20.64 5.25
N CYS A 257 -5.05 20.65 5.29
CA CYS A 257 -4.40 19.79 4.26
CA CYS A 257 -4.38 19.83 4.30
C CYS A 257 -3.27 18.97 4.89
C CYS A 257 -3.26 18.98 4.91
N PHE A 258 -3.46 17.67 5.01
CA PHE A 258 -2.42 16.81 5.53
C PHE A 258 -1.90 16.36 4.19
N CYS A 259 -1.11 17.24 3.59
CA CYS A 259 -0.62 17.03 2.25
C CYS A 259 0.87 17.14 2.00
N GLU A 260 1.31 16.46 0.94
CA GLU A 260 2.70 16.53 0.52
C GLU A 260 2.79 17.92 -0.11
N GLY A 261 4.00 18.48 -0.15
CA GLY A 261 4.13 19.80 -0.73
C GLY A 261 3.60 19.89 -2.15
N MET A 262 3.94 18.91 -2.99
CA MET A 262 3.48 18.91 -4.38
C MET A 262 1.96 18.89 -4.50
N THR A 263 1.28 18.31 -3.51
CA THR A 263 -0.18 18.30 -3.53
C THR A 263 -0.65 19.73 -3.31
N VAL A 264 -0.02 20.42 -2.36
CA VAL A 264 -0.36 21.81 -2.09
C VAL A 264 -0.11 22.67 -3.33
N ARG A 265 1.03 22.44 -3.98
CA ARG A 265 1.40 23.19 -5.17
C ARG A 265 0.36 22.93 -6.26
N GLY A 266 -0.10 21.69 -6.37
CA GLY A 266 -1.10 21.36 -7.37
C GLY A 266 -2.37 22.15 -7.16
N LEU A 267 -2.72 22.38 -5.89
CA LEU A 267 -3.93 23.14 -5.57
C LEU A 267 -3.74 24.64 -5.85
N LEU A 268 -2.56 25.17 -5.53
CA LEU A 268 -2.29 26.59 -5.78
C LEU A 268 -2.37 26.84 -7.28
N SER A 269 -1.81 25.91 -8.05
CA SER A 269 -1.81 25.98 -9.50
C SER A 269 -3.23 25.93 -10.05
N ALA A 270 -4.10 25.17 -9.39
CA ALA A 270 -5.49 25.07 -9.84
C ALA A 270 -6.19 26.39 -9.54
N MET A 271 -5.78 27.03 -8.44
CA MET A 271 -6.35 28.31 -8.07
C MET A 271 -5.92 29.34 -9.11
N ARG A 272 -4.70 29.19 -9.61
CA ARG A 272 -4.15 30.09 -10.61
C ARG A 272 -4.97 29.98 -11.90
N ARG A 273 -5.30 28.75 -12.31
CA ARG A 273 -6.07 28.55 -13.53
C ARG A 273 -7.50 29.05 -13.45
N LEU A 274 -8.11 28.99 -12.27
CA LEU A 274 -9.49 29.44 -12.11
C LEU A 274 -9.59 30.92 -11.80
N GLY A 275 -8.44 31.56 -11.53
CA GLY A 275 -8.43 32.97 -11.21
C GLY A 275 -9.00 33.31 -9.85
N VAL A 276 -8.67 32.53 -8.85
CA VAL A 276 -9.17 32.78 -7.50
C VAL A 276 -8.03 33.06 -6.54
N VAL A 277 -8.26 34.00 -5.61
CA VAL A 277 -7.24 34.36 -4.64
C VAL A 277 -7.85 34.68 -3.27
N GLY A 278 -7.18 34.21 -2.23
CA GLY A 278 -7.62 34.45 -0.86
C GLY A 278 -9.01 33.98 -0.45
N GLU A 279 -9.54 32.98 -1.12
CA GLU A 279 -10.85 32.46 -0.77
C GLU A 279 -10.81 31.52 0.44
N PHE A 280 -9.71 30.82 0.60
CA PHE A 280 -9.57 29.88 1.71
C PHE A 280 -8.47 30.25 2.68
N SER A 281 -8.55 29.65 3.87
CA SER A 281 -7.55 29.78 4.87
C SER A 281 -6.95 28.42 4.97
N LEU A 282 -5.80 28.23 4.32
CA LEU A 282 -5.14 26.93 4.30
C LEU A 282 -4.26 26.68 5.52
N ILE A 283 -4.35 25.47 6.04
CA ILE A 283 -3.56 25.03 7.18
C ILE A 283 -2.92 23.72 6.74
N GLY A 284 -1.62 23.76 6.44
CA GLY A 284 -0.95 22.56 5.97
C GLY A 284 -0.03 21.87 6.96
N SER A 285 0.22 20.59 6.70
CA SER A 285 1.09 19.76 7.54
C SER A 285 2.55 19.94 7.12
N ASP A 286 3.45 19.18 7.74
CA ASP A 286 4.89 19.28 7.47
C ASP A 286 5.32 19.08 6.02
N GLY A 287 4.43 18.54 5.17
CA GLY A 287 4.78 18.36 3.78
C GLY A 287 4.95 19.73 3.13
N TRP A 288 4.35 20.73 3.76
CA TRP A 288 4.42 22.10 3.28
C TRP A 288 5.43 22.83 4.18
N ALA A 289 5.10 22.94 5.47
CA ALA A 289 5.97 23.59 6.44
C ALA A 289 6.45 24.97 5.93
N ASP A 290 7.77 25.16 5.89
CA ASP A 290 8.33 26.43 5.42
C ASP A 290 9.16 26.21 4.16
N ARG A 291 8.69 25.30 3.29
CA ARG A 291 9.39 24.99 2.05
C ARG A 291 9.12 26.00 0.96
N ASP A 292 10.18 26.61 0.44
CA ASP A 292 10.07 27.58 -0.65
C ASP A 292 9.68 26.92 -1.96
N GLU A 293 10.20 25.72 -2.21
CA GLU A 293 9.90 25.04 -3.47
C GLU A 293 8.41 24.75 -3.66
N VAL A 294 7.66 24.69 -2.56
CA VAL A 294 6.22 24.43 -2.66
C VAL A 294 5.46 25.61 -3.24
N ILE A 295 5.73 26.80 -2.72
CA ILE A 295 5.04 28.02 -3.15
C ILE A 295 5.74 28.85 -4.22
N GLU A 296 6.93 28.45 -4.64
CA GLU A 296 7.67 29.21 -5.64
C GLU A 296 6.87 29.51 -6.90
N GLY A 297 6.63 30.79 -7.15
CA GLY A 297 5.87 31.18 -8.33
C GLY A 297 4.39 31.37 -8.03
N TYR A 298 3.94 30.82 -6.92
CA TYR A 298 2.54 30.93 -6.52
C TYR A 298 2.39 31.56 -5.15
N GLU A 299 3.27 32.52 -4.84
CA GLU A 299 3.25 33.20 -3.56
C GLU A 299 1.92 33.90 -3.33
N VAL A 300 1.33 34.42 -4.42
CA VAL A 300 0.07 35.14 -4.32
C VAL A 300 -1.09 34.26 -3.85
N GLU A 301 -1.30 33.12 -4.49
CA GLU A 301 -2.39 32.24 -4.05
C GLU A 301 -2.08 31.59 -2.72
N ALA A 302 -0.79 31.44 -2.39
CA ALA A 302 -0.38 30.80 -1.14
C ALA A 302 -0.34 31.73 0.07
N ASN A 303 -0.24 33.03 -0.17
CA ASN A 303 -0.18 34.01 0.91
C ASN A 303 -1.27 33.84 1.96
N GLY A 304 -0.90 33.98 3.22
CA GLY A 304 -1.87 33.84 4.30
C GLY A 304 -1.94 32.43 4.85
N GLY A 305 -1.28 31.49 4.18
CA GLY A 305 -1.29 30.11 4.63
C GLY A 305 -0.60 29.89 5.95
N ILE A 306 -1.15 28.97 6.74
CA ILE A 306 -0.61 28.63 8.05
C ILE A 306 -0.14 27.19 7.93
N THR A 307 1.10 26.92 8.32
CA THR A 307 1.62 25.58 8.19
C THR A 307 2.33 25.07 9.43
N ILE A 308 2.50 23.76 9.48
CA ILE A 308 3.17 23.08 10.58
C ILE A 308 4.53 22.63 10.08
N LYS A 309 5.54 22.89 10.91
CA LYS A 309 6.92 22.53 10.58
C LYS A 309 7.53 21.74 11.74
N LEU A 310 8.24 20.66 11.43
CA LEU A 310 8.88 19.88 12.47
C LEU A 310 10.07 20.73 12.94
N GLN A 311 10.12 21.03 14.23
CA GLN A 311 11.20 21.84 14.77
C GLN A 311 12.56 21.20 14.52
N SER A 312 13.42 21.92 13.82
CA SER A 312 14.76 21.42 13.50
C SER A 312 15.67 22.62 13.25
N PRO A 313 16.64 22.86 14.13
CA PRO A 313 17.57 23.97 13.97
C PRO A 313 18.40 23.94 12.69
N GLU A 314 18.63 25.11 12.12
CA GLU A 314 19.43 25.25 10.90
C GLU A 314 20.81 24.65 11.18
N VAL A 315 21.40 24.00 10.20
CA VAL A 315 22.72 23.40 10.39
C VAL A 315 23.80 24.17 9.65
N ARG A 316 24.37 25.17 10.31
CA ARG A 316 25.43 26.00 9.71
C ARG A 316 26.59 25.14 9.20
N SER A 317 27.02 24.20 10.02
CA SER A 317 28.10 23.30 9.65
C SER A 317 27.94 22.76 8.24
N PHE A 318 26.70 22.40 7.88
CA PHE A 318 26.43 21.86 6.56
C PHE A 318 26.58 22.90 5.44
N ASP A 319 26.12 24.12 5.70
CA ASP A 319 26.23 25.18 4.71
C ASP A 319 27.68 25.42 4.32
N ASP A 320 28.55 25.53 5.33
CA ASP A 320 29.98 25.77 5.08
C ASP A 320 30.57 24.73 4.14
N TYR A 321 30.14 23.48 4.29
CA TYR A 321 30.63 22.39 3.46
C TYR A 321 30.01 22.42 2.07
N PHE A 322 28.69 22.46 2.02
CA PHE A 322 27.95 22.46 0.77
C PHE A 322 28.25 23.59 -0.20
N LEU A 323 28.24 24.82 0.29
CA LEU A 323 28.50 25.98 -0.55
C LEU A 323 29.89 26.04 -1.17
N LYS A 324 30.80 25.21 -0.67
CA LYS A 324 32.17 25.19 -1.20
C LYS A 324 32.42 24.09 -2.22
N LEU A 325 31.38 23.34 -2.58
CA LEU A 325 31.52 22.27 -3.55
C LEU A 325 31.74 22.82 -4.96
N ARG A 326 32.62 22.19 -5.72
CA ARG A 326 32.91 22.61 -7.08
C ARG A 326 32.61 21.50 -8.09
N LEU A 327 32.16 21.91 -9.26
CA LEU A 327 31.81 20.97 -10.33
C LEU A 327 32.99 20.15 -10.85
N ASP A 328 34.21 20.53 -10.48
CA ASP A 328 35.39 19.81 -10.94
C ASP A 328 36.00 18.88 -9.91
N THR A 329 35.86 19.21 -8.63
CA THR A 329 36.42 18.37 -7.58
C THR A 329 35.44 17.42 -6.90
N ASN A 330 34.14 17.60 -7.15
CA ASN A 330 33.13 16.74 -6.55
C ASN A 330 32.85 15.55 -7.46
N THR A 331 33.66 14.51 -7.32
CA THR A 331 33.50 13.31 -8.16
C THR A 331 32.78 12.15 -7.49
N ARG A 332 32.72 12.16 -6.17
CA ARG A 332 32.04 11.08 -5.46
C ARG A 332 30.52 11.14 -5.59
N ASN A 333 30.01 12.31 -5.97
CA ASN A 333 28.57 12.51 -6.16
C ASN A 333 28.27 12.40 -7.65
N PRO A 334 27.85 11.21 -8.11
CA PRO A 334 27.54 10.97 -9.52
C PRO A 334 26.49 11.88 -10.17
N TRP A 335 25.62 12.49 -9.38
CA TRP A 335 24.57 13.34 -9.94
C TRP A 335 24.93 14.83 -9.97
N PHE A 336 26.07 15.19 -9.39
CA PHE A 336 26.46 16.61 -9.34
C PHE A 336 26.43 17.32 -10.70
N PRO A 337 27.03 16.72 -11.73
CA PRO A 337 27.02 17.35 -13.05
C PRO A 337 25.61 17.69 -13.52
N GLU A 338 24.68 16.74 -13.37
CA GLU A 338 23.29 16.96 -13.75
C GLU A 338 22.71 18.09 -12.92
N PHE A 339 23.08 18.10 -11.64
CA PHE A 339 22.61 19.11 -10.71
C PHE A 339 23.09 20.52 -11.10
N TRP A 340 24.39 20.65 -11.34
CA TRP A 340 24.99 21.93 -11.69
C TRP A 340 24.31 22.60 -12.87
N GLN A 341 24.13 21.85 -13.95
CA GLN A 341 23.51 22.39 -15.16
C GLN A 341 22.11 22.89 -14.87
N HIS A 342 21.36 22.16 -14.06
CA HIS A 342 20.01 22.54 -13.72
C HIS A 342 19.99 23.73 -12.77
N ARG A 343 20.88 23.70 -11.78
CA ARG A 343 20.98 24.75 -10.79
C ARG A 343 21.36 26.12 -11.39
N PHE A 344 22.16 26.10 -12.44
CA PHE A 344 22.58 27.35 -13.08
C PHE A 344 22.14 27.49 -14.52
N GLN A 345 21.13 26.72 -14.90
CA GLN A 345 20.60 26.75 -16.26
C GLN A 345 21.69 26.94 -17.32
N CYS A 346 22.71 26.09 -17.25
CA CYS A 346 23.82 26.12 -18.18
C CYS A 346 24.09 24.68 -18.62
N ARG A 347 24.92 24.49 -19.63
CA ARG A 347 25.22 23.13 -20.09
C ARG A 347 26.71 22.81 -20.09
N LEU A 348 27.01 21.51 -20.00
CA LEU A 348 28.39 21.06 -19.98
C LEU A 348 28.74 20.39 -21.31
N PRO A 349 29.60 21.05 -22.11
CA PRO A 349 30.04 20.56 -23.42
C PRO A 349 30.63 19.15 -23.40
N GLY A 350 30.14 18.30 -24.30
CA GLY A 350 30.64 16.95 -24.40
C GLY A 350 30.24 16.00 -23.27
N HIS A 351 29.86 16.56 -22.13
CA HIS A 351 29.47 15.73 -20.99
C HIS A 351 28.26 14.87 -21.34
N LEU A 352 28.32 13.60 -20.95
CA LEU A 352 27.24 12.65 -21.23
C LEU A 352 25.92 13.15 -20.66
N LEU A 353 25.99 13.84 -19.53
CA LEU A 353 24.81 14.37 -18.87
C LEU A 353 24.55 15.82 -19.27
N GLU A 354 24.93 16.16 -20.50
CA GLU A 354 24.74 17.52 -21.00
C GLU A 354 23.25 17.86 -21.11
N ASN A 355 22.84 18.93 -20.45
CA ASN A 355 21.44 19.36 -20.44
C ASN A 355 21.04 20.02 -21.76
N PRO A 356 20.06 19.42 -22.47
CA PRO A 356 19.55 19.92 -23.74
C PRO A 356 18.45 20.97 -23.60
N ASN A 357 18.63 21.92 -22.69
CA ASN A 357 17.64 22.96 -22.47
C ASN A 357 18.31 24.31 -22.25
N PHE A 358 19.62 24.31 -22.10
CA PHE A 358 20.37 25.53 -21.86
C PHE A 358 21.48 25.67 -22.90
N LYS A 359 21.80 26.90 -23.26
CA LYS A 359 22.82 27.17 -24.26
C LYS A 359 24.14 27.69 -23.68
N LYS A 360 24.05 28.60 -22.72
CA LYS A 360 25.24 29.15 -22.11
C LYS A 360 26.04 28.10 -21.34
N VAL A 361 27.26 27.83 -21.81
CA VAL A 361 28.12 26.85 -21.19
C VAL A 361 28.33 27.20 -19.72
N CYS A 362 28.57 26.19 -18.89
CA CYS A 362 28.79 26.40 -17.47
C CYS A 362 30.22 26.86 -17.22
N THR A 363 30.37 28.01 -16.57
CA THR A 363 31.69 28.54 -16.27
C THR A 363 32.35 27.71 -15.17
N GLY A 364 31.57 26.81 -14.58
CA GLY A 364 32.08 25.96 -13.51
C GLY A 364 32.52 26.74 -12.28
N ASN A 365 32.18 28.02 -12.26
CA ASN A 365 32.55 28.87 -11.12
C ASN A 365 31.34 29.56 -10.51
N GLU A 366 30.15 29.17 -10.95
CA GLU A 366 28.91 29.77 -10.44
C GLU A 366 28.83 29.57 -8.93
N SER A 367 28.11 30.46 -8.26
CA SER A 367 27.98 30.38 -6.80
C SER A 367 26.72 29.66 -6.36
N LEU A 368 26.91 28.65 -5.50
CA LEU A 368 25.79 27.87 -4.98
C LEU A 368 25.08 28.69 -3.91
N GLU A 369 25.60 29.90 -3.64
CA GLU A 369 25.02 30.77 -2.64
C GLU A 369 23.83 31.59 -3.16
N GLU A 370 23.69 31.69 -4.47
CA GLU A 370 22.59 32.47 -5.02
C GLU A 370 21.25 31.78 -4.78
N ASN A 371 20.34 32.52 -4.15
CA ASN A 371 19.01 32.02 -3.84
C ASN A 371 19.08 30.72 -3.06
N TYR A 372 20.21 30.48 -2.41
CA TYR A 372 20.40 29.25 -1.63
C TYR A 372 19.44 29.12 -0.47
N VAL A 373 18.95 27.90 -0.28
CA VAL A 373 18.05 27.58 0.82
C VAL A 373 18.37 26.16 1.27
N GLN A 374 18.61 26.00 2.56
CA GLN A 374 18.93 24.69 3.11
C GLN A 374 17.67 23.85 3.32
N ASP A 375 17.80 22.55 3.10
CA ASP A 375 16.70 21.60 3.29
C ASP A 375 16.15 21.82 4.71
N SER A 376 14.83 21.98 4.82
CA SER A 376 14.20 22.21 6.12
C SER A 376 14.39 21.06 7.12
N LYS A 377 14.61 19.85 6.64
CA LYS A 377 14.79 18.70 7.53
C LYS A 377 16.23 18.21 7.58
N MET A 378 17.18 19.06 7.22
CA MET A 378 18.59 18.70 7.21
C MET A 378 19.08 18.13 8.55
N GLY A 379 18.67 18.74 9.65
CA GLY A 379 19.08 18.26 10.96
C GLY A 379 18.68 16.81 11.21
N PHE A 380 17.50 16.42 10.73
CA PHE A 380 17.00 15.06 10.92
C PHE A 380 17.80 14.07 10.09
N VAL A 381 18.09 14.46 8.84
CA VAL A 381 18.87 13.61 7.97
C VAL A 381 20.21 13.31 8.64
N ILE A 382 20.87 14.36 9.11
CA ILE A 382 22.16 14.22 9.78
C ILE A 382 22.09 13.41 11.07
N ASN A 383 21.12 13.69 11.92
CA ASN A 383 21.01 12.94 13.17
C ASN A 383 20.61 11.49 12.97
N ALA A 384 19.95 11.18 11.85
CA ALA A 384 19.57 9.81 11.56
C ALA A 384 20.85 9.04 11.26
N ILE A 385 21.78 9.69 10.55
CA ILE A 385 23.05 9.05 10.23
C ILE A 385 23.85 8.86 11.52
N TYR A 386 23.84 9.87 12.39
CA TYR A 386 24.55 9.78 13.65
C TYR A 386 23.94 8.69 14.54
N ALA A 387 22.61 8.53 14.47
CA ALA A 387 21.95 7.51 15.26
C ALA A 387 22.48 6.14 14.86
N MET A 388 22.64 5.94 13.56
CA MET A 388 23.15 4.67 13.05
C MET A 388 24.56 4.41 13.60
N ALA A 389 25.39 5.44 13.60
CA ALA A 389 26.76 5.34 14.09
C ALA A 389 26.79 5.01 15.58
N HIS A 390 25.95 5.69 16.36
CA HIS A 390 25.88 5.45 17.79
C HIS A 390 25.40 4.03 18.07
N GLY A 391 24.53 3.52 17.21
CA GLY A 391 24.03 2.17 17.39
C GLY A 391 25.17 1.19 17.19
N LEU A 392 25.96 1.42 16.15
CA LEU A 392 27.10 0.56 15.85
C LEU A 392 28.13 0.66 16.98
N GLN A 393 28.32 1.88 17.50
CA GLN A 393 29.27 2.07 18.58
C GLN A 393 28.82 1.29 19.82
N ASN A 394 27.58 1.50 20.23
CA ASN A 394 27.05 0.81 21.39
C ASN A 394 27.15 -0.71 21.23
N MET A 395 26.93 -1.20 20.01
CA MET A 395 27.01 -2.63 19.74
C MET A 395 28.47 -3.11 19.85
N HIS A 396 29.39 -2.30 19.37
CA HIS A 396 30.80 -2.65 19.43
C HIS A 396 31.28 -2.72 20.90
N HIS A 397 30.82 -1.78 21.73
CA HIS A 397 31.18 -1.76 23.14
C HIS A 397 30.71 -3.02 23.87
N ALA A 398 29.51 -3.48 23.53
CA ALA A 398 28.93 -4.66 24.16
C ALA A 398 29.41 -6.00 23.61
N LEU A 399 29.51 -6.10 22.29
CA LEU A 399 29.90 -7.34 21.64
C LEU A 399 31.40 -7.49 21.39
N CYS A 400 32.12 -6.37 21.32
CA CYS A 400 33.56 -6.40 21.09
C CYS A 400 34.27 -5.58 22.17
N PRO A 401 34.02 -5.88 23.44
CA PRO A 401 34.65 -5.15 24.55
C PRO A 401 36.19 -5.17 24.53
N GLY A 402 36.79 -3.98 24.63
CA GLY A 402 38.23 -3.88 24.65
C GLY A 402 38.93 -3.98 23.31
N HIS A 403 38.20 -4.33 22.27
CA HIS A 403 38.76 -4.47 20.92
C HIS A 403 38.91 -3.08 20.28
N VAL A 404 39.88 -2.96 19.38
CA VAL A 404 40.12 -1.69 18.70
C VAL A 404 39.15 -1.50 17.55
N GLY A 405 39.17 -2.42 16.59
CA GLY A 405 38.26 -2.33 15.46
C GLY A 405 37.20 -3.42 15.57
N LEU A 406 36.55 -3.74 14.45
CA LEU A 406 35.53 -4.78 14.43
C LEU A 406 36.14 -6.10 14.85
N CYS A 407 35.39 -6.88 15.62
CA CYS A 407 35.88 -8.18 16.06
C CYS A 407 35.06 -9.29 15.44
N ASP A 408 35.46 -10.52 15.69
CA ASP A 408 34.77 -11.68 15.16
C ASP A 408 33.26 -11.63 15.40
N ALA A 409 32.86 -11.10 16.54
CA ALA A 409 31.44 -11.01 16.88
C ALA A 409 30.65 -10.08 15.98
N MET A 410 31.32 -9.11 15.35
CA MET A 410 30.66 -8.17 14.46
C MET A 410 31.04 -8.42 13.00
N LYS A 411 31.40 -9.67 12.71
CA LYS A 411 31.78 -10.09 11.37
C LYS A 411 31.04 -11.38 11.03
N PRO A 412 29.87 -11.26 10.37
CA PRO A 412 29.27 -10.00 9.95
C PRO A 412 28.45 -9.39 11.08
N ILE A 413 27.92 -8.19 10.85
CA ILE A 413 27.11 -7.53 11.85
C ILE A 413 25.71 -8.15 11.85
N ASP A 414 25.23 -8.52 13.04
CA ASP A 414 23.91 -9.12 13.19
C ASP A 414 22.84 -8.03 13.27
N GLY A 415 22.11 -7.85 12.17
CA GLY A 415 21.08 -6.82 12.12
C GLY A 415 20.09 -6.86 13.26
N ARG A 416 19.71 -8.06 13.71
CA ARG A 416 18.75 -8.19 14.79
C ARG A 416 19.30 -7.57 16.08
N LYS A 417 20.60 -7.77 16.31
CA LYS A 417 21.24 -7.22 17.49
C LYS A 417 21.44 -5.73 17.31
N LEU A 418 21.82 -5.33 16.10
CA LEU A 418 22.02 -3.91 15.84
C LEU A 418 20.73 -3.14 16.10
N LEU A 419 19.59 -3.73 15.74
CA LEU A 419 18.31 -3.06 15.97
C LEU A 419 18.09 -2.73 17.46
N ASP A 420 18.37 -3.68 18.35
CA ASP A 420 18.18 -3.43 19.78
C ASP A 420 19.11 -2.34 20.29
N PHE A 421 20.37 -2.37 19.84
CA PHE A 421 21.32 -1.35 20.28
C PHE A 421 20.91 0.03 19.79
N LEU A 422 20.32 0.09 18.60
CA LEU A 422 19.86 1.36 18.04
C LEU A 422 18.72 1.95 18.86
N ILE A 423 17.73 1.11 19.16
CA ILE A 423 16.56 1.53 19.94
C ILE A 423 16.96 2.04 21.32
N LYS A 424 18.01 1.46 21.88
CA LYS A 424 18.48 1.87 23.21
C LYS A 424 19.53 2.96 23.17
N SER A 425 19.82 3.51 21.99
CA SER A 425 20.81 4.56 21.88
C SER A 425 20.20 5.94 22.12
N SER A 426 20.99 6.83 22.73
CA SER A 426 20.55 8.20 22.99
C SER A 426 21.79 9.08 22.86
N PHE A 427 21.64 10.28 22.31
CA PHE A 427 22.79 11.15 22.14
C PHE A 427 22.37 12.58 21.86
N VAL A 428 23.37 13.45 21.71
CA VAL A 428 23.12 14.86 21.43
C VAL A 428 23.37 15.07 19.94
N GLY A 429 22.34 15.55 19.24
CA GLY A 429 22.44 15.76 17.82
C GLY A 429 23.41 16.85 17.37
N VAL A 430 23.57 16.97 16.06
CA VAL A 430 24.46 17.95 15.44
C VAL A 430 24.21 19.38 15.92
N SER A 431 22.97 19.69 16.28
CA SER A 431 22.64 21.03 16.75
C SER A 431 22.15 21.08 18.19
N GLY A 432 22.56 20.10 18.99
CA GLY A 432 22.17 20.08 20.39
C GLY A 432 20.88 19.35 20.75
N GLU A 433 20.16 18.86 19.75
CA GLU A 433 18.91 18.17 20.04
C GLU A 433 19.12 16.83 20.74
N GLU A 434 18.32 16.56 21.77
CA GLU A 434 18.39 15.30 22.50
C GLU A 434 17.74 14.22 21.63
N VAL A 435 18.51 13.23 21.21
CA VAL A 435 17.97 12.17 20.38
C VAL A 435 17.93 10.80 21.05
N TRP A 436 16.74 10.21 21.11
CA TRP A 436 16.55 8.88 21.68
C TRP A 436 15.26 8.28 21.13
N PHE A 437 15.02 7.01 21.39
CA PHE A 437 13.82 6.36 20.87
C PHE A 437 13.05 5.58 21.93
N ASP A 438 11.72 5.63 21.87
CA ASP A 438 10.93 4.87 22.82
C ASP A 438 10.87 3.44 22.30
N GLU A 439 10.13 2.56 22.97
CA GLU A 439 10.07 1.17 22.54
C GLU A 439 9.54 0.96 21.12
N LYS A 440 8.77 1.92 20.61
CA LYS A 440 8.21 1.81 19.26
C LYS A 440 9.12 2.43 18.20
N GLY A 441 10.33 2.78 18.60
CA GLY A 441 11.27 3.38 17.66
C GLY A 441 10.96 4.84 17.34
N ASP A 442 10.04 5.44 18.07
CA ASP A 442 9.67 6.84 17.83
C ASP A 442 10.53 7.79 18.66
N ALA A 443 10.82 8.96 18.11
CA ALA A 443 11.64 9.94 18.79
C ALA A 443 10.84 11.14 19.25
N PRO A 444 11.34 11.85 20.27
CA PRO A 444 10.62 13.03 20.76
C PRO A 444 10.76 14.11 19.69
N GLY A 445 9.83 15.05 19.67
CA GLY A 445 9.88 16.12 18.69
C GLY A 445 8.85 17.17 19.05
N ARG A 446 8.84 18.26 18.28
CA ARG A 446 7.91 19.36 18.50
C ARG A 446 7.77 20.14 17.21
N TYR A 447 6.85 21.09 17.17
CA TYR A 447 6.65 21.85 15.93
C TYR A 447 6.68 23.37 16.04
N ASP A 448 6.97 24.00 14.92
CA ASP A 448 6.98 25.45 14.79
C ASP A 448 5.79 25.77 13.91
N ILE A 449 5.05 26.81 14.25
CA ILE A 449 3.89 27.18 13.45
C ILE A 449 4.32 28.33 12.55
N MET A 450 4.14 28.15 11.24
CA MET A 450 4.52 29.16 10.27
C MET A 450 3.31 29.84 9.62
N ASN A 451 3.52 31.10 9.21
CA ASN A 451 2.47 31.87 8.56
C ASN A 451 3.09 32.58 7.37
N LEU A 452 2.56 32.34 6.19
CA LEU A 452 3.08 32.99 5.00
C LEU A 452 2.44 34.36 4.86
N GLN A 453 3.27 35.39 4.80
CA GLN A 453 2.77 36.76 4.67
C GLN A 453 3.70 37.67 3.89
N TYR A 454 3.11 38.74 3.35
CA TYR A 454 3.84 39.73 2.57
C TYR A 454 4.47 40.70 3.57
N THR A 455 5.78 40.56 3.79
CA THR A 455 6.49 41.42 4.73
C THR A 455 6.50 42.88 4.30
N GLU A 456 7.06 43.74 5.16
CA GLU A 456 7.14 45.16 4.86
C GLU A 456 7.78 45.36 3.48
N ALA A 457 8.79 44.56 3.18
CA ALA A 457 9.48 44.63 1.89
C ALA A 457 8.67 43.89 0.84
N ASN A 458 8.99 44.13 -0.42
CA ASN A 458 8.30 43.47 -1.53
C ASN A 458 8.72 42.00 -1.60
N ARG A 459 8.32 41.23 -0.60
CA ARG A 459 8.66 39.82 -0.56
C ARG A 459 7.75 39.02 0.36
N TYR A 460 7.55 37.74 0.02
CA TYR A 460 6.73 36.84 0.80
C TYR A 460 7.66 35.94 1.60
N ASP A 461 7.43 35.83 2.90
CA ASP A 461 8.27 35.00 3.75
C ASP A 461 7.45 34.19 4.75
N TYR A 462 8.04 33.07 5.19
CA TYR A 462 7.47 32.21 6.18
C TYR A 462 7.76 32.81 7.54
N VAL A 463 6.80 33.48 8.16
CA VAL A 463 7.05 34.07 9.47
C VAL A 463 6.75 33.06 10.56
N HIS A 464 7.71 32.88 11.48
CA HIS A 464 7.55 31.98 12.59
C HIS A 464 6.62 32.65 13.60
N VAL A 465 5.36 32.19 13.64
CA VAL A 465 4.37 32.78 14.54
C VAL A 465 4.06 31.97 15.81
N GLY A 466 4.59 30.77 15.93
CA GLY A 466 4.28 30.00 17.12
C GLY A 466 4.94 28.64 17.25
N THR A 467 4.55 27.92 18.29
CA THR A 467 5.09 26.60 18.55
C THR A 467 4.08 25.68 19.21
N TRP A 468 4.32 24.37 19.09
CA TRP A 468 3.46 23.37 19.70
C TRP A 468 4.38 22.31 20.29
N HIS A 469 4.33 22.17 21.61
CA HIS A 469 5.18 21.19 22.29
C HIS A 469 4.42 20.56 23.46
N GLU A 470 4.39 19.23 23.48
CA GLU A 470 3.72 18.51 24.55
C GLU A 470 2.33 19.03 24.89
N GLY A 471 1.46 19.09 23.89
CA GLY A 471 0.10 19.54 24.10
C GLY A 471 -0.10 21.02 24.34
N VAL A 472 0.97 21.80 24.24
CA VAL A 472 0.87 23.24 24.46
C VAL A 472 1.06 24.06 23.19
N LEU A 473 0.01 24.78 22.79
CA LEU A 473 0.06 25.60 21.61
C LEU A 473 0.34 27.04 21.99
N ASN A 474 1.46 27.58 21.50
CA ASN A 474 1.80 28.97 21.78
C ASN A 474 1.89 29.73 20.47
N ILE A 475 0.94 30.61 20.25
CA ILE A 475 0.91 31.41 19.03
C ILE A 475 0.97 32.90 19.35
N ASP A 476 1.84 33.59 18.63
CA ASP A 476 1.98 35.03 18.81
C ASP A 476 0.92 35.70 17.92
N ASP A 477 -0.24 35.96 18.52
CA ASP A 477 -1.36 36.57 17.81
C ASP A 477 -1.05 37.86 17.05
N TYR A 478 -0.21 38.72 17.62
CA TYR A 478 0.11 39.98 16.96
C TYR A 478 1.02 39.81 15.74
N LYS A 479 1.63 38.64 15.61
CA LYS A 479 2.50 38.38 14.47
C LYS A 479 1.71 37.93 13.25
N ILE A 480 0.60 37.24 13.47
CA ILE A 480 -0.23 36.77 12.37
C ILE A 480 -0.93 37.93 11.67
N GLN B 3 13.43 -21.72 5.43
CA GLN B 3 13.18 -23.19 5.31
C GLN B 3 11.70 -23.55 5.32
N ARG B 4 10.86 -22.64 4.82
CA ARG B 4 9.44 -22.91 4.77
C ARG B 4 9.22 -23.94 3.67
N SER B 5 8.36 -24.93 3.92
CA SER B 5 8.08 -25.98 2.95
C SER B 5 7.59 -25.44 1.60
N VAL B 6 7.80 -26.23 0.55
CA VAL B 6 7.38 -25.89 -0.79
C VAL B 6 6.84 -27.13 -1.49
N ALA B 7 5.73 -26.98 -2.21
CA ALA B 7 5.12 -28.08 -2.94
C ALA B 7 5.66 -28.02 -4.37
N ARG B 8 6.37 -29.05 -4.79
CA ARG B 8 6.94 -29.06 -6.13
C ARG B 8 6.51 -30.15 -7.09
N MET B 9 6.56 -29.80 -8.36
CA MET B 9 6.26 -30.70 -9.47
C MET B 9 7.17 -30.19 -10.58
N ASP B 10 8.17 -30.96 -10.94
CA ASP B 10 9.08 -30.53 -11.99
C ASP B 10 8.40 -30.60 -13.35
N GLY B 11 8.85 -29.78 -14.29
CA GLY B 11 8.28 -29.75 -15.63
C GLY B 11 9.11 -28.87 -16.54
N ASP B 12 8.75 -28.78 -17.82
CA ASP B 12 9.50 -27.96 -18.77
C ASP B 12 9.37 -26.49 -18.41
N VAL B 13 8.17 -26.09 -17.97
CA VAL B 13 7.91 -24.71 -17.57
C VAL B 13 7.30 -24.72 -16.17
N ILE B 14 7.88 -23.95 -15.27
CA ILE B 14 7.41 -23.89 -13.89
C ILE B 14 6.51 -22.70 -13.61
N ILE B 15 5.33 -22.97 -13.05
CA ILE B 15 4.37 -21.94 -12.69
C ILE B 15 4.38 -21.80 -11.17
N GLY B 16 4.60 -20.59 -10.68
CA GLY B 16 4.61 -20.38 -9.25
C GLY B 16 3.20 -20.15 -8.73
N ALA B 17 3.00 -20.37 -7.43
CA ALA B 17 1.71 -20.16 -6.81
C ALA B 17 1.90 -19.78 -5.35
N LEU B 18 0.98 -18.96 -4.86
CA LEU B 18 0.96 -18.51 -3.48
C LEU B 18 -0.47 -18.79 -2.98
N PHE B 19 -0.59 -19.68 -1.99
CA PHE B 19 -1.89 -20.02 -1.43
C PHE B 19 -1.79 -19.88 0.08
N SER B 20 -2.91 -19.63 0.73
CA SER B 20 -2.96 -19.49 2.17
C SER B 20 -3.04 -20.89 2.82
N VAL B 21 -1.94 -21.65 2.75
CA VAL B 21 -1.91 -22.98 3.33
C VAL B 21 -2.15 -22.93 4.84
N HIS B 22 -1.70 -21.84 5.47
CA HIS B 22 -1.92 -21.65 6.90
C HIS B 22 -2.58 -20.29 7.10
N HIS B 23 -3.10 -20.06 8.30
CA HIS B 23 -3.72 -18.80 8.66
C HIS B 23 -2.58 -17.81 8.91
N GLN B 24 -2.89 -16.53 8.94
CA GLN B 24 -1.85 -15.53 9.17
C GLN B 24 -1.29 -15.63 10.57
N PRO B 25 -0.06 -15.14 10.77
CA PRO B 25 0.56 -15.20 12.08
C PRO B 25 -0.18 -14.33 13.08
N PRO B 26 -0.22 -14.73 14.36
CA PRO B 26 -0.90 -13.87 15.32
C PRO B 26 -0.10 -12.56 15.26
N ALA B 27 -0.75 -11.44 15.56
CA ALA B 27 -0.08 -10.14 15.50
C ALA B 27 1.35 -10.12 16.04
N GLU B 28 1.55 -10.67 17.24
CA GLU B 28 2.87 -10.68 17.85
C GLU B 28 3.85 -11.69 17.26
N LYS B 29 3.38 -12.55 16.37
CA LYS B 29 4.24 -13.54 15.73
C LYS B 29 4.62 -13.09 14.33
N VAL B 30 4.16 -11.91 13.92
CA VAL B 30 4.46 -11.40 12.59
C VAL B 30 5.96 -11.20 12.36
N PRO B 31 6.66 -10.55 13.30
CA PRO B 31 8.10 -10.35 13.09
C PRO B 31 8.85 -11.64 12.77
N GLU B 32 8.47 -12.74 13.42
CA GLU B 32 9.14 -14.01 13.16
C GLU B 32 8.48 -14.81 12.04
N ARG B 33 7.38 -14.29 11.51
CA ARG B 33 6.66 -14.92 10.41
C ARG B 33 6.28 -16.37 10.71
N LYS B 34 5.75 -16.59 11.91
CA LYS B 34 5.30 -17.91 12.36
C LYS B 34 3.79 -17.93 12.13
N CYS B 35 3.37 -18.70 11.14
CA CYS B 35 1.96 -18.76 10.78
C CYS B 35 1.03 -19.47 11.72
N GLY B 36 -0.27 -19.35 11.44
CA GLY B 36 -1.28 -19.98 12.27
C GLY B 36 -1.64 -21.39 11.85
N GLU B 37 -2.88 -21.76 12.12
CA GLU B 37 -3.41 -23.08 11.83
C GLU B 37 -3.51 -23.39 10.32
N ILE B 38 -3.45 -24.68 9.98
CA ILE B 38 -3.55 -25.08 8.60
C ILE B 38 -4.97 -24.85 8.12
N ARG B 39 -5.11 -24.49 6.84
CA ARG B 39 -6.42 -24.21 6.25
C ARG B 39 -6.73 -25.25 5.20
N GLU B 40 -8.02 -25.53 4.99
CA GLU B 40 -8.39 -26.51 3.99
C GLU B 40 -8.91 -25.87 2.71
N GLN B 41 -10.02 -25.16 2.78
CA GLN B 41 -10.59 -24.54 1.58
C GLN B 41 -9.67 -23.51 0.93
N TYR B 42 -9.06 -22.65 1.73
CA TYR B 42 -8.15 -21.62 1.23
C TYR B 42 -6.73 -22.13 1.07
N GLY B 43 -6.46 -23.32 1.60
CA GLY B 43 -5.10 -23.83 1.50
C GLY B 43 -4.90 -25.16 0.81
N ILE B 44 -4.97 -26.24 1.60
CA ILE B 44 -4.76 -27.58 1.08
C ILE B 44 -5.56 -27.88 -0.18
N GLN B 45 -6.83 -27.48 -0.22
CA GLN B 45 -7.63 -27.74 -1.40
C GLN B 45 -7.10 -27.01 -2.64
N ARG B 46 -6.53 -25.82 -2.45
CA ARG B 46 -6.00 -25.08 -3.58
C ARG B 46 -4.66 -25.66 -4.03
N VAL B 47 -3.86 -26.12 -3.07
CA VAL B 47 -2.58 -26.72 -3.41
C VAL B 47 -2.88 -27.95 -4.28
N GLU B 48 -3.86 -28.75 -3.86
CA GLU B 48 -4.22 -29.95 -4.60
C GLU B 48 -4.87 -29.62 -5.94
N ALA B 49 -5.62 -28.51 -5.97
CA ALA B 49 -6.27 -28.07 -7.20
C ALA B 49 -5.23 -27.78 -8.27
N MET B 50 -4.12 -27.19 -7.85
CA MET B 50 -3.04 -26.87 -8.79
C MET B 50 -2.39 -28.16 -9.30
N PHE B 51 -2.11 -29.09 -8.39
CA PHE B 51 -1.51 -30.36 -8.78
C PHE B 51 -2.42 -31.09 -9.76
N HIS B 52 -3.70 -31.20 -9.40
CA HIS B 52 -4.70 -31.87 -10.23
C HIS B 52 -4.85 -31.22 -11.61
N THR B 53 -4.96 -29.90 -11.62
CA THR B 53 -5.12 -29.18 -12.87
C THR B 53 -3.91 -29.37 -13.78
N LEU B 54 -2.71 -29.31 -13.21
CA LEU B 54 -1.51 -29.49 -14.03
C LEU B 54 -1.47 -30.93 -14.56
N ASP B 55 -1.88 -31.90 -13.75
CA ASP B 55 -1.89 -33.29 -14.21
C ASP B 55 -2.80 -33.36 -15.44
N LYS B 56 -3.97 -32.74 -15.32
CA LYS B 56 -4.94 -32.73 -16.39
C LYS B 56 -4.41 -32.04 -17.65
N ILE B 57 -3.77 -30.89 -17.47
CA ILE B 57 -3.21 -30.18 -18.61
C ILE B 57 -2.08 -30.99 -19.24
N ASN B 58 -1.29 -31.69 -18.43
CA ASN B 58 -0.20 -32.49 -18.96
C ASN B 58 -0.68 -33.75 -19.66
N ALA B 59 -1.97 -34.03 -19.55
CA ALA B 59 -2.55 -35.19 -20.21
C ALA B 59 -3.47 -34.69 -21.31
N ASP B 60 -3.43 -33.38 -21.56
CA ASP B 60 -4.28 -32.76 -22.57
C ASP B 60 -3.54 -32.68 -23.90
N PRO B 61 -4.03 -33.42 -24.92
CA PRO B 61 -3.43 -33.45 -26.25
C PRO B 61 -3.57 -32.16 -27.03
N VAL B 62 -4.53 -31.32 -26.64
CA VAL B 62 -4.75 -30.07 -27.35
C VAL B 62 -4.06 -28.86 -26.72
N LEU B 63 -3.87 -28.87 -25.41
CA LEU B 63 -3.21 -27.75 -24.73
C LEU B 63 -1.79 -28.14 -24.33
N LEU B 64 -0.80 -27.48 -24.94
CA LEU B 64 0.61 -27.78 -24.67
C LEU B 64 0.87 -29.28 -24.81
N PRO B 65 0.55 -29.85 -25.99
CA PRO B 65 0.72 -31.28 -26.32
C PRO B 65 2.03 -31.93 -25.86
N ASN B 66 3.16 -31.31 -26.19
CA ASN B 66 4.46 -31.89 -25.86
C ASN B 66 5.34 -31.07 -24.92
N ILE B 67 4.73 -30.20 -24.14
CA ILE B 67 5.45 -29.34 -23.19
C ILE B 67 4.76 -29.48 -21.85
N THR B 68 5.48 -29.97 -20.85
CA THR B 68 4.88 -30.15 -19.54
C THR B 68 4.98 -28.94 -18.61
N LEU B 69 3.96 -28.76 -17.79
CA LEU B 69 3.93 -27.67 -16.83
C LEU B 69 4.25 -28.22 -15.45
N GLY B 70 5.07 -27.48 -14.71
CA GLY B 70 5.43 -27.89 -13.36
C GLY B 70 4.99 -26.79 -12.41
N SER B 71 5.24 -26.95 -11.11
CA SER B 71 4.83 -25.94 -10.16
C SER B 71 5.79 -25.76 -8.98
N GLU B 72 5.73 -24.58 -8.37
CA GLU B 72 6.51 -24.26 -7.18
C GLU B 72 5.47 -23.54 -6.33
N ILE B 73 4.79 -24.32 -5.48
CA ILE B 73 3.72 -23.80 -4.64
C ILE B 73 4.18 -23.38 -3.24
N ARG B 74 4.03 -22.10 -2.93
CA ARG B 74 4.46 -21.60 -1.63
C ARG B 74 3.30 -21.09 -0.78
N ASP B 75 3.54 -21.04 0.53
CA ASP B 75 2.56 -20.59 1.51
C ASP B 75 2.63 -19.07 1.71
N SER B 76 1.48 -18.42 1.63
CA SER B 76 1.42 -16.97 1.81
C SER B 76 0.94 -16.59 3.21
N CYS B 77 0.37 -17.55 3.92
CA CYS B 77 -0.19 -17.35 5.26
C CYS B 77 -1.11 -16.12 5.29
N TRP B 78 -1.75 -15.83 4.16
CA TRP B 78 -2.64 -14.68 4.05
C TRP B 78 -2.02 -13.44 4.71
N HIS B 79 -0.73 -13.21 4.45
CA HIS B 79 -0.06 -12.06 5.05
C HIS B 79 1.08 -11.56 4.15
N SER B 80 1.21 -10.25 4.01
CA SER B 80 2.24 -9.68 3.15
C SER B 80 3.69 -10.01 3.54
N SER B 81 3.99 -10.10 4.82
CA SER B 81 5.38 -10.41 5.19
C SER B 81 5.78 -11.81 4.73
N VAL B 82 4.90 -12.79 4.93
CA VAL B 82 5.20 -14.16 4.50
C VAL B 82 5.14 -14.23 2.98
N ALA B 83 4.15 -13.57 2.39
CA ALA B 83 4.01 -13.58 0.93
C ALA B 83 5.25 -12.96 0.28
N LEU B 84 5.76 -11.88 0.86
CA LEU B 84 6.95 -11.23 0.31
C LEU B 84 8.15 -12.13 0.53
N GLU B 85 8.23 -12.72 1.70
CA GLU B 85 9.32 -13.63 2.03
C GLU B 85 9.37 -14.74 0.98
N GLN B 86 8.20 -15.32 0.69
CA GLN B 86 8.15 -16.40 -0.29
C GLN B 86 8.32 -15.94 -1.72
N SER B 87 7.89 -14.71 -2.01
CA SER B 87 8.03 -14.17 -3.36
C SER B 87 9.52 -13.94 -3.62
N ILE B 88 10.26 -13.55 -2.59
CA ILE B 88 11.69 -13.33 -2.73
C ILE B 88 12.31 -14.66 -3.19
N GLU B 89 11.82 -15.77 -2.64
CA GLU B 89 12.34 -17.07 -3.01
C GLU B 89 12.11 -17.39 -4.48
N PHE B 90 11.02 -16.89 -5.06
CA PHE B 90 10.75 -17.13 -6.47
C PHE B 90 11.85 -16.49 -7.31
N ILE B 91 12.19 -15.25 -6.96
CA ILE B 91 13.19 -14.52 -7.72
C ILE B 91 14.62 -14.78 -7.32
N ARG B 92 14.82 -15.59 -6.27
CA ARG B 92 16.15 -15.94 -5.82
C ARG B 92 16.73 -17.01 -6.75
N LYS B 122 15.16 -23.70 -12.12
CA LYS B 122 14.36 -23.13 -13.21
C LYS B 122 13.63 -21.87 -12.76
N PRO B 123 13.65 -20.83 -13.59
CA PRO B 123 12.96 -19.60 -13.21
C PRO B 123 11.45 -19.75 -13.40
N ILE B 124 10.70 -19.07 -12.54
CA ILE B 124 9.24 -19.09 -12.57
C ILE B 124 8.75 -18.28 -13.78
N ALA B 125 7.83 -18.85 -14.57
CA ALA B 125 7.30 -18.14 -15.73
C ALA B 125 6.22 -17.14 -15.30
N GLY B 126 5.45 -17.52 -14.28
CA GLY B 126 4.38 -16.66 -13.79
C GLY B 126 3.91 -17.11 -12.42
N VAL B 127 3.04 -16.33 -11.79
CA VAL B 127 2.55 -16.66 -10.47
C VAL B 127 1.02 -16.63 -10.35
N ILE B 128 0.46 -17.63 -9.68
CA ILE B 128 -0.97 -17.72 -9.43
C ILE B 128 -1.17 -17.24 -7.99
N GLY B 129 -2.03 -16.25 -7.79
CA GLY B 129 -2.27 -15.75 -6.43
C GLY B 129 -1.55 -14.45 -6.12
N PRO B 130 -1.53 -14.01 -4.85
CA PRO B 130 -2.14 -14.66 -3.69
C PRO B 130 -3.64 -14.32 -3.63
N GLY B 131 -4.33 -14.79 -2.59
CA GLY B 131 -5.77 -14.58 -2.51
C GLY B 131 -6.34 -13.23 -2.09
N SER B 132 -5.63 -12.55 -1.22
CA SER B 132 -6.05 -11.25 -0.70
C SER B 132 -5.53 -10.09 -1.56
N SER B 133 -6.36 -9.05 -1.76
CA SER B 133 -5.97 -7.89 -2.57
C SER B 133 -4.78 -7.11 -1.98
N SER B 134 -4.81 -6.85 -0.67
CA SER B 134 -3.73 -6.10 -0.05
C SER B 134 -2.42 -6.87 -0.17
N VAL B 135 -2.48 -8.19 -0.03
CA VAL B 135 -1.30 -9.03 -0.14
C VAL B 135 -0.86 -9.15 -1.61
N ALA B 136 -1.83 -9.23 -2.52
CA ALA B 136 -1.53 -9.34 -3.94
C ALA B 136 -0.80 -8.08 -4.41
N ILE B 137 -1.22 -6.94 -3.89
CA ILE B 137 -0.58 -5.67 -4.23
C ILE B 137 0.89 -5.72 -3.82
N GLN B 138 1.17 -6.16 -2.60
CA GLN B 138 2.56 -6.24 -2.14
C GLN B 138 3.38 -7.19 -3.00
N VAL B 139 2.79 -8.33 -3.38
CA VAL B 139 3.48 -9.29 -4.24
C VAL B 139 3.76 -8.71 -5.62
N GLN B 140 2.76 -8.08 -6.22
CA GLN B 140 2.88 -7.48 -7.54
C GLN B 140 3.95 -6.37 -7.60
N ASN B 141 4.10 -5.62 -6.50
CA ASN B 141 5.10 -4.56 -6.47
C ASN B 141 6.47 -5.16 -6.73
N LEU B 142 6.68 -6.38 -6.25
CA LEU B 142 7.96 -7.06 -6.43
C LEU B 142 8.05 -7.80 -7.77
N LEU B 143 7.05 -8.62 -8.08
CA LEU B 143 7.06 -9.39 -9.32
C LEU B 143 7.22 -8.53 -10.58
N GLN B 144 6.60 -7.36 -10.60
CA GLN B 144 6.68 -6.49 -11.76
C GLN B 144 8.10 -6.04 -12.04
N LEU B 145 8.95 -5.99 -11.01
CA LEU B 145 10.33 -5.58 -11.19
C LEU B 145 11.09 -6.63 -11.97
N PHE B 146 10.60 -7.87 -11.96
CA PHE B 146 11.25 -8.94 -12.70
C PHE B 146 10.39 -9.41 -13.87
N ASP B 147 9.43 -8.58 -14.28
CA ASP B 147 8.54 -8.90 -15.39
C ASP B 147 7.89 -10.28 -15.25
N ILE B 148 7.38 -10.59 -14.08
CA ILE B 148 6.73 -11.88 -13.87
C ILE B 148 5.21 -11.67 -13.78
N PRO B 149 4.46 -12.13 -14.80
CA PRO B 149 3.00 -11.96 -14.76
C PRO B 149 2.36 -12.72 -13.60
N GLN B 150 1.33 -12.10 -13.03
CA GLN B 150 0.63 -12.63 -11.88
C GLN B 150 -0.88 -12.69 -12.18
N ILE B 151 -1.49 -13.84 -11.96
CA ILE B 151 -2.93 -13.99 -12.22
C ILE B 151 -3.65 -14.38 -10.93
N ALA B 152 -4.58 -13.54 -10.50
CA ALA B 152 -5.33 -13.77 -9.27
C ALA B 152 -6.68 -14.43 -9.51
N TYR B 153 -7.16 -15.16 -8.51
CA TYR B 153 -8.44 -15.86 -8.58
C TYR B 153 -9.43 -15.31 -7.56
N SER B 154 -8.98 -14.44 -6.66
CA SER B 154 -9.88 -13.88 -5.64
C SER B 154 -9.60 -12.42 -5.22
N ALA B 155 -8.51 -11.84 -5.73
CA ALA B 155 -8.19 -10.44 -5.39
C ALA B 155 -9.08 -9.55 -6.25
N THR B 156 -10.08 -8.94 -5.62
CA THR B 156 -11.05 -8.12 -6.34
C THR B 156 -10.91 -6.60 -6.24
N SER B 157 -9.87 -6.11 -5.57
CA SER B 157 -9.71 -4.66 -5.43
C SER B 157 -9.67 -3.89 -6.74
N ILE B 158 -10.38 -2.77 -6.76
CA ILE B 158 -10.44 -1.89 -7.92
C ILE B 158 -9.06 -1.29 -8.20
N ASP B 159 -8.27 -1.08 -7.15
CA ASP B 159 -6.91 -0.53 -7.26
C ASP B 159 -6.05 -1.29 -8.24
N LEU B 160 -6.18 -2.62 -8.23
CA LEU B 160 -5.38 -3.48 -9.11
C LEU B 160 -5.59 -3.28 -10.60
N SER B 161 -6.60 -2.53 -10.98
CA SER B 161 -6.89 -2.29 -12.40
C SER B 161 -6.00 -1.18 -12.95
N ASP B 162 -5.24 -0.53 -12.06
CA ASP B 162 -4.35 0.55 -12.45
C ASP B 162 -3.05 -0.04 -13.01
N LYS B 163 -2.93 -0.09 -14.33
CA LYS B 163 -1.75 -0.66 -14.96
C LYS B 163 -0.48 0.18 -14.87
N THR B 164 -0.59 1.43 -14.45
CA THR B 164 0.63 2.24 -14.31
C THR B 164 1.31 1.75 -13.04
N LEU B 165 0.49 1.24 -12.10
CA LEU B 165 1.01 0.73 -10.84
C LEU B 165 1.13 -0.79 -10.81
N TYR B 166 0.24 -1.48 -11.51
CA TYR B 166 0.24 -2.94 -11.48
C TYR B 166 0.21 -3.54 -12.88
N LYS B 167 1.19 -3.17 -13.70
CA LYS B 167 1.30 -3.63 -15.07
C LYS B 167 1.24 -5.13 -15.29
N TYR B 168 1.92 -5.88 -14.42
CA TYR B 168 1.97 -7.34 -14.62
C TYR B 168 0.86 -8.12 -13.87
N PHE B 169 -0.20 -7.45 -13.45
CA PHE B 169 -1.29 -8.13 -12.75
C PHE B 169 -2.52 -8.33 -13.62
N LEU B 170 -3.08 -9.54 -13.57
CA LEU B 170 -4.31 -9.85 -14.28
C LEU B 170 -5.08 -10.82 -13.38
N ARG B 171 -6.36 -11.06 -13.69
CA ARG B 171 -7.17 -11.93 -12.84
C ARG B 171 -8.39 -12.51 -13.56
N VAL B 172 -8.87 -13.66 -13.08
CA VAL B 172 -10.04 -14.31 -13.68
C VAL B 172 -11.31 -14.03 -12.86
N VAL B 173 -11.16 -13.25 -11.78
CA VAL B 173 -12.29 -12.89 -10.92
C VAL B 173 -12.65 -11.41 -11.17
N PRO B 174 -13.94 -11.08 -11.20
CA PRO B 174 -14.32 -9.68 -11.44
C PRO B 174 -13.91 -8.69 -10.36
N SER B 175 -13.69 -7.46 -10.79
CA SER B 175 -13.32 -6.36 -9.92
C SER B 175 -14.59 -5.88 -9.24
N ASP B 176 -14.46 -5.37 -8.02
CA ASP B 176 -15.64 -4.89 -7.30
C ASP B 176 -16.35 -3.75 -8.02
N THR B 177 -15.72 -3.20 -9.06
CA THR B 177 -16.37 -2.12 -9.76
C THR B 177 -17.60 -2.70 -10.47
N LEU B 178 -17.57 -3.99 -10.76
CA LEU B 178 -18.71 -4.63 -11.42
C LEU B 178 -19.83 -4.86 -10.39
N GLN B 179 -19.48 -4.90 -9.10
CA GLN B 179 -20.53 -5.04 -8.08
C GLN B 179 -21.31 -3.73 -8.07
N ALA B 180 -20.58 -2.62 -8.10
CA ALA B 180 -21.20 -1.30 -8.11
C ALA B 180 -22.12 -1.21 -9.32
N ARG B 181 -21.65 -1.68 -10.47
CA ARG B 181 -22.42 -1.67 -11.71
C ARG B 181 -23.73 -2.47 -11.57
N ALA B 182 -23.62 -3.68 -11.02
CA ALA B 182 -24.79 -4.54 -10.84
C ALA B 182 -25.78 -3.90 -9.86
N MET B 183 -25.27 -3.39 -8.74
CA MET B 183 -26.13 -2.75 -7.75
C MET B 183 -26.84 -1.55 -8.36
N LEU B 184 -26.13 -0.78 -9.19
CA LEU B 184 -26.76 0.37 -9.82
C LEU B 184 -27.82 -0.13 -10.81
N ASP B 185 -27.51 -1.19 -11.55
CA ASP B 185 -28.45 -1.74 -12.52
C ASP B 185 -29.75 -2.14 -11.81
N ILE B 186 -29.62 -2.70 -10.61
CA ILE B 186 -30.79 -3.11 -9.83
C ILE B 186 -31.62 -1.87 -9.48
N VAL B 187 -30.94 -0.83 -9.01
CA VAL B 187 -31.61 0.42 -8.64
C VAL B 187 -32.37 1.04 -9.81
N LYS B 188 -31.73 1.06 -10.98
CA LYS B 188 -32.34 1.64 -12.18
C LYS B 188 -33.48 0.80 -12.72
N ARG B 189 -33.39 -0.51 -12.51
CA ARG B 189 -34.42 -1.43 -12.98
C ARG B 189 -35.77 -1.07 -12.34
N TYR B 190 -35.74 -0.68 -11.08
CA TYR B 190 -37.00 -0.34 -10.39
C TYR B 190 -37.26 1.16 -10.37
N ASN B 191 -36.61 1.88 -11.27
CA ASN B 191 -36.79 3.31 -11.44
C ASN B 191 -36.66 4.20 -10.20
N TRP B 192 -35.82 3.81 -9.26
CA TRP B 192 -35.61 4.62 -8.07
C TRP B 192 -34.74 5.81 -8.48
N THR B 193 -35.12 7.01 -8.03
CA THR B 193 -34.39 8.22 -8.38
C THR B 193 -33.46 8.74 -7.27
N TYR B 194 -33.82 8.46 -6.02
CA TYR B 194 -33.03 8.89 -4.87
C TYR B 194 -32.69 7.69 -4.00
N VAL B 195 -31.43 7.61 -3.58
CA VAL B 195 -31.00 6.54 -2.71
C VAL B 195 -29.95 7.09 -1.77
N SER B 196 -29.85 6.50 -0.59
CA SER B 196 -28.83 6.90 0.35
C SER B 196 -27.70 5.92 0.10
N ALA B 197 -26.49 6.28 0.54
CA ALA B 197 -25.33 5.44 0.31
C ALA B 197 -24.47 5.31 1.55
N VAL B 198 -24.20 4.07 1.93
CA VAL B 198 -23.38 3.78 3.09
C VAL B 198 -22.31 2.78 2.68
N HIS B 199 -21.09 2.98 3.17
CA HIS B 199 -20.03 2.03 2.89
C HIS B 199 -19.16 1.88 4.12
N THR B 200 -18.55 0.72 4.25
CA THR B 200 -17.66 0.46 5.38
C THR B 200 -16.34 1.14 5.06
N GLU B 201 -15.67 1.64 6.10
CA GLU B 201 -14.38 2.31 5.93
C GLU B 201 -13.38 1.27 5.42
N GLY B 202 -12.45 1.70 4.59
CA GLY B 202 -11.46 0.77 4.06
C GLY B 202 -11.54 0.70 2.56
N ASN B 203 -10.58 0.02 1.94
CA ASN B 203 -10.53 -0.06 0.48
C ASN B 203 -11.77 -0.64 -0.17
N TYR B 204 -12.21 -1.80 0.31
CA TYR B 204 -13.39 -2.47 -0.22
C TYR B 204 -14.59 -1.53 -0.28
N GLY B 205 -15.00 -1.05 0.88
CA GLY B 205 -16.14 -0.16 0.96
C GLY B 205 -15.99 1.17 0.24
N GLU B 206 -14.88 1.87 0.47
CA GLU B 206 -14.70 3.17 -0.17
C GLU B 206 -14.53 3.14 -1.68
N SER B 207 -13.77 2.18 -2.20
CA SER B 207 -13.57 2.09 -3.65
C SER B 207 -14.86 1.64 -4.32
N GLY B 208 -15.53 0.69 -3.69
CA GLY B 208 -16.78 0.18 -4.24
C GLY B 208 -17.81 1.27 -4.33
N MET B 209 -17.95 2.05 -3.28
CA MET B 209 -18.92 3.14 -3.26
C MET B 209 -18.52 4.28 -4.20
N ASP B 210 -17.23 4.59 -4.27
CA ASP B 210 -16.79 5.66 -5.17
C ASP B 210 -17.16 5.28 -6.60
N ALA B 211 -17.01 4.00 -6.93
CA ALA B 211 -17.35 3.52 -8.26
C ALA B 211 -18.85 3.68 -8.49
N PHE B 212 -19.65 3.30 -7.49
CA PHE B 212 -21.10 3.42 -7.60
C PHE B 212 -21.51 4.86 -7.82
N LYS B 213 -20.92 5.76 -7.03
CA LYS B 213 -21.25 7.18 -7.11
C LYS B 213 -20.88 7.82 -8.44
N GLU B 214 -19.76 7.39 -9.01
CA GLU B 214 -19.33 7.94 -10.29
C GLU B 214 -20.33 7.55 -11.36
N LEU B 215 -20.73 6.28 -11.37
CA LEU B 215 -21.70 5.79 -12.34
C LEU B 215 -23.05 6.48 -12.12
N ALA B 216 -23.48 6.53 -10.87
CA ALA B 216 -24.76 7.14 -10.51
C ALA B 216 -24.88 8.59 -11.01
N ALA B 217 -23.82 9.36 -10.80
CA ALA B 217 -23.79 10.76 -11.22
C ALA B 217 -23.94 10.86 -12.74
N GLN B 218 -23.24 9.99 -13.44
CA GLN B 218 -23.28 9.96 -14.90
C GLN B 218 -24.62 9.52 -15.46
N GLU B 219 -25.38 8.79 -14.66
CA GLU B 219 -26.66 8.28 -15.14
C GLU B 219 -27.91 8.92 -14.55
N GLY B 220 -27.72 10.08 -13.91
CA GLY B 220 -28.86 10.80 -13.36
C GLY B 220 -29.50 10.29 -12.08
N LEU B 221 -28.73 9.59 -11.26
CA LEU B 221 -29.24 9.07 -10.00
C LEU B 221 -28.77 10.01 -8.89
N CYS B 222 -29.66 10.42 -8.01
CA CYS B 222 -29.28 11.33 -6.93
C CYS B 222 -29.03 10.61 -5.61
N ILE B 223 -27.99 11.05 -4.89
CA ILE B 223 -27.66 10.46 -3.62
C ILE B 223 -28.21 11.36 -2.51
N ALA B 224 -28.93 10.76 -1.55
CA ALA B 224 -29.51 11.51 -0.45
C ALA B 224 -28.43 11.61 0.63
N HIS B 225 -28.55 10.81 1.68
CA HIS B 225 -27.53 10.82 2.72
C HIS B 225 -26.39 9.92 2.27
N SER B 226 -25.17 10.29 2.62
CA SER B 226 -23.99 9.50 2.27
C SER B 226 -23.16 9.38 3.54
N ASP B 227 -22.72 8.17 3.85
CA ASP B 227 -21.95 7.96 5.07
C ASP B 227 -20.99 6.81 4.92
N LYS B 228 -20.13 6.67 5.93
CA LYS B 228 -19.16 5.60 6.00
C LYS B 228 -19.00 5.29 7.48
N ILE B 229 -18.60 4.07 7.79
CA ILE B 229 -18.48 3.68 9.19
C ILE B 229 -17.67 2.39 9.32
N TYR B 230 -17.01 2.22 10.46
CA TYR B 230 -16.24 1.00 10.71
C TYR B 230 -17.21 -0.02 11.28
N SER B 231 -17.04 -1.28 10.90
CA SER B 231 -17.92 -2.32 11.41
C SER B 231 -17.82 -2.39 12.93
N ASN B 232 -16.64 -2.06 13.47
CA ASN B 232 -16.43 -2.09 14.92
C ASN B 232 -16.84 -0.79 15.61
N ALA B 233 -17.40 0.15 14.86
CA ALA B 233 -17.84 1.39 15.47
C ALA B 233 -18.83 1.04 16.58
N GLY B 234 -19.07 1.95 17.51
CA GLY B 234 -20.00 1.65 18.58
C GLY B 234 -21.47 1.78 18.20
N GLU B 235 -22.34 1.33 19.10
CA GLU B 235 -23.79 1.40 18.89
C GLU B 235 -24.24 2.85 18.71
N LYS B 236 -23.54 3.76 19.39
CA LYS B 236 -23.85 5.18 19.30
C LYS B 236 -23.65 5.66 17.87
N SER B 237 -22.60 5.17 17.21
CA SER B 237 -22.32 5.56 15.84
C SER B 237 -23.37 4.99 14.88
N PHE B 238 -23.76 3.74 15.10
CA PHE B 238 -24.78 3.17 14.24
C PHE B 238 -26.13 3.85 14.51
N ASP B 239 -26.36 4.29 15.75
CA ASP B 239 -27.61 5.00 16.07
C ASP B 239 -27.68 6.28 15.23
N ARG B 240 -26.57 7.00 15.18
CA ARG B 240 -26.52 8.24 14.40
C ARG B 240 -26.70 7.96 12.90
N LEU B 241 -26.02 6.92 12.41
CA LEU B 241 -26.14 6.55 11.01
C LEU B 241 -27.62 6.31 10.65
N LEU B 242 -28.31 5.55 11.50
CA LEU B 242 -29.73 5.28 11.25
C LEU B 242 -30.54 6.57 11.27
N ARG B 243 -30.26 7.45 12.23
CA ARG B 243 -30.99 8.72 12.27
C ARG B 243 -30.82 9.51 10.98
N LYS B 244 -29.60 9.58 10.46
CA LYS B 244 -29.33 10.35 9.25
C LYS B 244 -30.04 9.73 8.04
N LEU B 245 -30.13 8.40 8.03
CA LEU B 245 -30.81 7.72 6.92
C LEU B 245 -32.32 8.01 7.00
N ARG B 246 -32.88 7.96 8.21
CA ARG B 246 -34.31 8.21 8.37
C ARG B 246 -34.69 9.65 8.06
N GLU B 247 -33.76 10.58 8.26
CA GLU B 247 -34.05 11.98 7.97
C GLU B 247 -34.36 12.19 6.49
N ARG B 248 -33.87 11.29 5.64
CA ARG B 248 -34.09 11.43 4.20
C ARG B 248 -35.35 10.70 3.72
N LEU B 249 -36.08 10.08 4.64
CA LEU B 249 -37.33 9.40 4.29
C LEU B 249 -38.41 10.46 4.13
N PRO B 250 -39.47 10.17 3.37
CA PRO B 250 -39.72 8.91 2.67
C PRO B 250 -39.13 8.88 1.25
N LYS B 251 -38.68 10.04 0.78
CA LYS B 251 -38.13 10.16 -0.57
C LYS B 251 -36.99 9.18 -0.88
N ALA B 252 -36.10 8.96 0.08
CA ALA B 252 -34.99 8.05 -0.13
C ALA B 252 -35.14 6.79 0.72
N ARG B 253 -35.97 5.87 0.25
CA ARG B 253 -36.24 4.63 0.94
C ARG B 253 -35.20 3.55 0.64
N VAL B 254 -34.46 3.72 -0.45
CA VAL B 254 -33.45 2.74 -0.82
C VAL B 254 -32.07 3.10 -0.28
N VAL B 255 -31.42 2.13 0.35
CA VAL B 255 -30.09 2.34 0.89
C VAL B 255 -29.11 1.36 0.23
N VAL B 256 -28.12 1.90 -0.47
CA VAL B 256 -27.10 1.10 -1.14
C VAL B 256 -25.96 0.99 -0.15
N CYS B 257 -25.60 -0.24 0.24
N CYS B 257 -25.61 -0.25 0.20
CA CYS B 257 -24.52 -0.48 1.20
CA CYS B 257 -24.55 -0.50 1.16
C CYS B 257 -23.37 -1.27 0.59
C CYS B 257 -23.38 -1.27 0.55
N PHE B 258 -22.24 -0.61 0.37
CA PHE B 258 -21.08 -1.31 -0.14
C PHE B 258 -20.43 -1.54 1.22
N CYS B 259 -20.88 -2.60 1.89
CA CYS B 259 -20.47 -2.87 3.24
C CYS B 259 -20.02 -4.27 3.64
N GLU B 260 -19.21 -4.34 4.68
CA GLU B 260 -18.77 -5.61 5.24
C GLU B 260 -20.04 -6.11 5.95
N GLY B 261 -20.18 -7.42 6.10
CA GLY B 261 -21.36 -7.95 6.75
C GLY B 261 -21.68 -7.38 8.13
N MET B 262 -20.65 -7.18 8.95
CA MET B 262 -20.86 -6.66 10.29
C MET B 262 -21.32 -5.22 10.34
N THR B 263 -21.15 -4.49 9.23
CA THR B 263 -21.61 -3.10 9.17
C THR B 263 -23.13 -3.17 9.00
N VAL B 264 -23.58 -4.10 8.16
CA VAL B 264 -25.01 -4.27 7.96
C VAL B 264 -25.62 -4.69 9.29
N ARG B 265 -24.97 -5.63 9.98
CA ARG B 265 -25.45 -6.10 11.27
C ARG B 265 -25.57 -4.94 12.25
N GLY B 266 -24.58 -4.04 12.24
CA GLY B 266 -24.61 -2.88 13.12
C GLY B 266 -25.83 -2.02 12.84
N LEU B 267 -26.19 -1.90 11.57
CA LEU B 267 -27.35 -1.10 11.18
C LEU B 267 -28.65 -1.77 11.62
N LEU B 268 -28.72 -3.09 11.44
CA LEU B 268 -29.88 -3.87 11.83
C LEU B 268 -30.11 -3.74 13.32
N SER B 269 -29.00 -3.83 14.07
CA SER B 269 -29.00 -3.73 15.52
C SER B 269 -29.57 -2.38 15.96
N ALA B 270 -29.18 -1.32 15.26
CA ALA B 270 -29.65 0.03 15.56
C ALA B 270 -31.16 0.14 15.30
N MET B 271 -31.64 -0.51 14.23
CA MET B 271 -33.06 -0.47 13.91
C MET B 271 -33.85 -1.11 15.06
N ARG B 272 -33.31 -2.19 15.62
CA ARG B 272 -33.96 -2.88 16.72
C ARG B 272 -34.05 -1.95 17.93
N ARG B 273 -32.94 -1.32 18.27
CA ARG B 273 -32.92 -0.41 19.42
C ARG B 273 -33.91 0.74 19.26
N LEU B 274 -34.04 1.26 18.04
CA LEU B 274 -34.96 2.35 17.78
C LEU B 274 -36.39 1.84 17.66
N GLY B 275 -36.54 0.55 17.34
CA GLY B 275 -37.87 -0.03 17.21
C GLY B 275 -38.57 0.21 15.87
N VAL B 276 -37.82 0.25 14.78
CA VAL B 276 -38.41 0.46 13.47
C VAL B 276 -38.21 -0.78 12.59
N VAL B 277 -39.10 -0.98 11.64
CA VAL B 277 -39.02 -2.14 10.74
C VAL B 277 -39.48 -1.81 9.32
N GLY B 278 -38.84 -2.44 8.35
CA GLY B 278 -39.19 -2.26 6.95
C GLY B 278 -39.33 -0.86 6.39
N GLU B 279 -38.58 0.10 6.91
CA GLU B 279 -38.66 1.46 6.39
C GLU B 279 -37.81 1.63 5.14
N PHE B 280 -36.76 0.84 5.03
CA PHE B 280 -35.84 0.93 3.91
C PHE B 280 -35.77 -0.33 3.06
N SER B 281 -35.26 -0.14 1.85
CA SER B 281 -34.99 -1.22 0.97
C SER B 281 -33.50 -1.25 0.86
N LEU B 282 -32.88 -2.19 1.55
CA LEU B 282 -31.41 -2.28 1.55
C LEU B 282 -30.89 -3.10 0.38
N ILE B 283 -29.82 -2.61 -0.23
CA ILE B 283 -29.17 -3.29 -1.34
C ILE B 283 -27.70 -3.38 -0.95
N GLY B 284 -27.25 -4.60 -0.65
CA GLY B 284 -25.87 -4.76 -0.23
C GLY B 284 -24.93 -5.51 -1.14
N SER B 285 -23.65 -5.17 -1.03
CA SER B 285 -22.60 -5.79 -1.82
C SER B 285 -22.33 -7.16 -1.22
N ASP B 286 -21.37 -7.90 -1.75
CA ASP B 286 -21.09 -9.23 -1.27
C ASP B 286 -20.48 -9.39 0.12
N GLY B 287 -20.35 -8.28 0.84
CA GLY B 287 -19.84 -8.36 2.20
C GLY B 287 -20.98 -8.98 3.02
N TRP B 288 -22.20 -8.81 2.50
CA TRP B 288 -23.41 -9.34 3.12
C TRP B 288 -23.72 -10.67 2.44
N ALA B 289 -23.92 -10.64 1.12
CA ALA B 289 -24.21 -11.85 0.36
C ALA B 289 -25.30 -12.69 1.02
N ASP B 290 -25.02 -13.96 1.28
CA ASP B 290 -26.00 -14.84 1.90
C ASP B 290 -25.52 -15.34 3.26
N ARG B 291 -24.86 -14.48 4.01
CA ARG B 291 -24.34 -14.86 5.33
C ARG B 291 -25.39 -14.83 6.43
N ASP B 292 -25.55 -15.96 7.13
CA ASP B 292 -26.52 -16.04 8.22
C ASP B 292 -26.06 -15.23 9.42
N GLU B 293 -24.75 -15.22 9.66
CA GLU B 293 -24.18 -14.50 10.80
C GLU B 293 -24.51 -13.01 10.77
N VAL B 294 -24.83 -12.48 9.60
CA VAL B 294 -25.17 -11.07 9.48
C VAL B 294 -26.58 -10.79 10.00
N ILE B 295 -27.55 -11.62 9.63
CA ILE B 295 -28.93 -11.40 10.04
C ILE B 295 -29.39 -12.18 11.27
N GLU B 296 -28.52 -13.05 11.77
CA GLU B 296 -28.80 -13.86 12.96
C GLU B 296 -29.37 -13.04 14.11
N GLY B 297 -30.66 -13.23 14.40
CA GLY B 297 -31.29 -12.50 15.48
C GLY B 297 -31.94 -11.19 15.08
N TYR B 298 -31.82 -10.83 13.82
CA TYR B 298 -32.41 -9.59 13.31
C TYR B 298 -33.09 -9.84 11.98
N GLU B 299 -33.54 -11.08 11.79
CA GLU B 299 -34.22 -11.46 10.57
C GLU B 299 -35.37 -10.51 10.26
N VAL B 300 -36.11 -10.13 11.28
CA VAL B 300 -37.25 -9.24 11.08
C VAL B 300 -36.83 -7.90 10.45
N GLU B 301 -35.78 -7.28 10.97
CA GLU B 301 -35.37 -6.01 10.40
C GLU B 301 -34.60 -6.16 9.09
N ALA B 302 -34.03 -7.34 8.84
CA ALA B 302 -33.28 -7.60 7.62
C ALA B 302 -34.17 -8.04 6.46
N ASN B 303 -35.26 -8.72 6.79
CA ASN B 303 -36.21 -9.24 5.80
C ASN B 303 -36.47 -8.27 4.66
N GLY B 304 -36.38 -8.78 3.43
CA GLY B 304 -36.61 -7.95 2.26
C GLY B 304 -35.34 -7.36 1.64
N GLY B 305 -34.22 -7.55 2.31
CA GLY B 305 -32.97 -7.03 1.77
C GLY B 305 -32.54 -7.74 0.50
N ILE B 306 -31.87 -7.01 -0.38
CA ILE B 306 -31.37 -7.55 -1.64
C ILE B 306 -29.84 -7.52 -1.59
N THR B 307 -29.22 -8.67 -1.84
CA THR B 307 -27.76 -8.77 -1.80
C THR B 307 -27.15 -9.39 -3.06
N ILE B 308 -25.85 -9.18 -3.22
CA ILE B 308 -25.09 -9.68 -4.36
C ILE B 308 -24.10 -10.71 -3.88
N LYS B 309 -23.84 -11.70 -4.72
CA LYS B 309 -22.91 -12.78 -4.41
C LYS B 309 -22.17 -13.22 -5.67
N LEU B 310 -20.90 -13.52 -5.52
CA LEU B 310 -20.08 -14.00 -6.63
C LEU B 310 -20.57 -15.43 -6.89
N GLN B 311 -20.82 -15.78 -8.15
CA GLN B 311 -21.25 -17.14 -8.45
C GLN B 311 -20.10 -18.10 -8.14
N SER B 312 -20.44 -19.28 -7.61
CA SER B 312 -19.43 -20.28 -7.28
C SER B 312 -19.85 -21.66 -7.76
N PRO B 313 -19.73 -21.92 -9.07
CA PRO B 313 -20.09 -23.22 -9.65
C PRO B 313 -19.22 -24.35 -9.09
N GLU B 314 -19.86 -25.37 -8.55
CA GLU B 314 -19.15 -26.52 -8.00
C GLU B 314 -18.39 -27.23 -9.11
N VAL B 315 -17.14 -27.62 -8.85
CA VAL B 315 -16.33 -28.33 -9.83
C VAL B 315 -16.26 -29.81 -9.43
N ARG B 316 -17.18 -30.61 -9.94
CA ARG B 316 -17.24 -32.03 -9.60
C ARG B 316 -15.94 -32.80 -9.82
N SER B 317 -15.27 -32.53 -10.94
CA SER B 317 -14.03 -33.22 -11.24
C SER B 317 -12.97 -33.03 -10.15
N PHE B 318 -12.99 -31.89 -9.46
CA PHE B 318 -12.01 -31.67 -8.40
C PHE B 318 -12.29 -32.60 -7.21
N ASP B 319 -13.55 -32.69 -6.82
CA ASP B 319 -13.96 -33.55 -5.72
C ASP B 319 -13.59 -35.00 -6.02
N ASP B 320 -13.80 -35.45 -7.26
CA ASP B 320 -13.46 -36.82 -7.61
C ASP B 320 -11.99 -37.10 -7.31
N TYR B 321 -11.15 -36.11 -7.58
CA TYR B 321 -9.73 -36.21 -7.35
C TYR B 321 -9.35 -36.05 -5.88
N PHE B 322 -9.80 -34.95 -5.28
CA PHE B 322 -9.48 -34.64 -3.89
C PHE B 322 -9.97 -35.68 -2.88
N LEU B 323 -11.23 -36.08 -3.00
CA LEU B 323 -11.80 -37.06 -2.07
C LEU B 323 -11.13 -38.43 -2.09
N LYS B 324 -10.28 -38.70 -3.08
CA LYS B 324 -9.61 -39.99 -3.17
C LYS B 324 -8.16 -39.94 -2.66
N LEU B 325 -7.70 -38.75 -2.28
CA LEU B 325 -6.34 -38.61 -1.78
C LEU B 325 -6.16 -39.39 -0.49
N ARG B 326 -4.98 -39.98 -0.31
CA ARG B 326 -4.67 -40.75 0.88
C ARG B 326 -3.37 -40.27 1.51
N LEU B 327 -3.29 -40.43 2.82
CA LEU B 327 -2.12 -40.01 3.58
C LEU B 327 -0.81 -40.68 3.15
N ASP B 328 -0.83 -41.99 2.98
CA ASP B 328 0.38 -42.71 2.62
C ASP B 328 0.87 -42.57 1.18
N THR B 329 0.00 -42.18 0.25
CA THR B 329 0.40 -42.05 -1.14
C THR B 329 0.62 -40.62 -1.64
N ASN B 330 0.06 -39.63 -0.94
CA ASN B 330 0.21 -38.24 -1.36
C ASN B 330 1.52 -37.65 -0.81
N THR B 331 2.62 -37.93 -1.49
CA THR B 331 3.92 -37.43 -1.04
C THR B 331 4.37 -36.12 -1.69
N ARG B 332 3.69 -35.69 -2.75
CA ARG B 332 4.09 -34.44 -3.41
C ARG B 332 3.61 -33.20 -2.65
N ASN B 333 2.60 -33.36 -1.80
CA ASN B 333 2.08 -32.25 -0.99
C ASN B 333 2.76 -32.37 0.38
N PRO B 334 3.76 -31.54 0.66
CA PRO B 334 4.46 -31.59 1.95
C PRO B 334 3.63 -31.25 3.18
N TRP B 335 2.51 -30.58 2.97
CA TRP B 335 1.66 -30.19 4.08
C TRP B 335 0.55 -31.20 4.39
N PHE B 336 0.45 -32.25 3.57
CA PHE B 336 -0.62 -33.22 3.79
C PHE B 336 -0.60 -33.87 5.17
N PRO B 337 0.57 -34.31 5.66
CA PRO B 337 0.58 -34.93 6.99
C PRO B 337 -0.03 -34.00 8.05
N GLU B 338 0.36 -32.73 8.04
CA GLU B 338 -0.16 -31.76 8.99
C GLU B 338 -1.65 -31.57 8.81
N PHE B 339 -2.09 -31.50 7.56
CA PHE B 339 -3.50 -31.33 7.24
C PHE B 339 -4.33 -32.51 7.77
N TRP B 340 -3.87 -33.72 7.48
CA TRP B 340 -4.56 -34.93 7.89
C TRP B 340 -4.78 -34.97 9.41
N GLN B 341 -3.72 -34.71 10.17
CA GLN B 341 -3.84 -34.73 11.63
C GLN B 341 -4.89 -33.74 12.13
N HIS B 342 -4.91 -32.54 11.54
CA HIS B 342 -5.89 -31.53 11.94
C HIS B 342 -7.29 -31.87 11.46
N ARG B 343 -7.40 -32.40 10.25
CA ARG B 343 -8.69 -32.75 9.68
C ARG B 343 -9.40 -33.88 10.44
N PHE B 344 -8.62 -34.86 10.89
CA PHE B 344 -9.22 -36.00 11.58
C PHE B 344 -8.87 -36.11 13.06
N GLN B 345 -8.34 -35.02 13.62
CA GLN B 345 -7.99 -34.95 15.03
C GLN B 345 -7.22 -36.16 15.55
N CYS B 346 -6.10 -36.44 14.89
CA CYS B 346 -5.23 -37.56 15.27
C CYS B 346 -3.79 -37.07 15.15
N ARG B 347 -2.84 -37.89 15.57
CA ARG B 347 -1.43 -37.51 15.49
C ARG B 347 -0.68 -38.55 14.69
N LEU B 348 0.58 -38.22 14.37
CA LEU B 348 1.45 -39.12 13.63
C LEU B 348 2.74 -39.24 14.43
N PRO B 349 2.87 -40.30 15.23
CA PRO B 349 4.04 -40.55 16.08
C PRO B 349 5.39 -40.31 15.42
N GLY B 350 6.19 -39.48 16.08
CA GLY B 350 7.53 -39.19 15.58
C GLY B 350 7.62 -38.37 14.30
N HIS B 351 6.51 -37.78 13.87
CA HIS B 351 6.54 -36.99 12.65
C HIS B 351 7.13 -35.62 12.96
N LEU B 352 7.88 -35.07 12.01
CA LEU B 352 8.49 -33.77 12.19
C LEU B 352 7.43 -32.77 12.67
N LEU B 353 6.24 -32.88 12.09
CA LEU B 353 5.15 -31.99 12.47
C LEU B 353 4.00 -32.78 13.10
N GLU B 354 4.29 -33.44 14.21
CA GLU B 354 3.30 -34.24 14.92
C GLU B 354 2.38 -33.29 15.69
N ASN B 355 1.08 -33.38 15.42
CA ASN B 355 0.11 -32.53 16.09
C ASN B 355 0.05 -32.91 17.57
N PRO B 356 0.33 -31.94 18.47
CA PRO B 356 0.33 -32.17 19.91
C PRO B 356 -1.02 -32.01 20.60
N ASN B 357 -2.08 -31.79 19.83
CA ASN B 357 -3.41 -31.60 20.42
C ASN B 357 -4.26 -32.87 20.48
N PHE B 358 -3.86 -33.89 19.74
CA PHE B 358 -4.63 -35.14 19.72
C PHE B 358 -3.79 -36.34 20.09
N LYS B 359 -4.37 -37.25 20.85
CA LYS B 359 -3.66 -38.44 21.29
C LYS B 359 -3.80 -39.68 20.41
N LYS B 360 -4.99 -39.89 19.84
CA LYS B 360 -5.16 -41.07 18.98
C LYS B 360 -4.32 -40.91 17.72
N VAL B 361 -3.92 -42.03 17.14
CA VAL B 361 -3.11 -42.01 15.93
C VAL B 361 -3.94 -42.20 14.67
N CYS B 362 -3.55 -41.49 13.61
CA CYS B 362 -4.26 -41.57 12.33
C CYS B 362 -4.12 -42.96 11.73
N THR B 363 -5.23 -43.49 11.22
CA THR B 363 -5.22 -44.81 10.60
C THR B 363 -4.71 -44.66 9.17
N GLY B 364 -5.07 -43.56 8.53
CA GLY B 364 -4.66 -43.31 7.17
C GLY B 364 -5.79 -43.66 6.23
N ASN B 365 -6.85 -44.23 6.79
CA ASN B 365 -8.02 -44.61 6.00
C ASN B 365 -9.27 -43.81 6.33
N GLU B 366 -9.09 -42.65 6.96
CA GLU B 366 -10.23 -41.81 7.29
C GLU B 366 -10.76 -41.23 5.96
N SER B 367 -12.02 -40.87 5.91
CA SER B 367 -12.62 -40.34 4.69
C SER B 367 -12.72 -38.82 4.66
N LEU B 368 -12.25 -38.22 3.58
CA LEU B 368 -12.28 -36.78 3.41
C LEU B 368 -13.69 -36.27 3.12
N GLU B 369 -14.61 -37.20 2.93
CA GLU B 369 -16.00 -36.85 2.64
C GLU B 369 -16.77 -36.35 3.85
N GLU B 370 -16.30 -36.67 5.05
CA GLU B 370 -17.04 -36.22 6.23
C GLU B 370 -17.02 -34.71 6.36
N ASN B 371 -18.21 -34.12 6.42
CA ASN B 371 -18.37 -32.67 6.57
C ASN B 371 -17.68 -31.91 5.44
N TYR B 372 -17.39 -32.60 4.34
CA TYR B 372 -16.70 -31.98 3.22
C TYR B 372 -17.40 -30.80 2.56
N VAL B 373 -16.62 -29.76 2.28
CA VAL B 373 -17.12 -28.56 1.61
C VAL B 373 -16.03 -28.13 0.65
N GLN B 374 -16.40 -27.91 -0.62
CA GLN B 374 -15.46 -27.48 -1.63
C GLN B 374 -15.23 -25.97 -1.58
N ASP B 375 -13.96 -25.59 -1.64
CA ASP B 375 -13.56 -24.17 -1.66
C ASP B 375 -14.52 -23.47 -2.62
N SER B 376 -15.12 -22.37 -2.18
CA SER B 376 -16.06 -21.65 -3.02
C SER B 376 -15.40 -20.95 -4.22
N LYS B 377 -14.07 -20.77 -4.18
CA LYS B 377 -13.36 -20.10 -5.27
C LYS B 377 -12.67 -21.10 -6.20
N MET B 378 -12.93 -22.40 -6.00
CA MET B 378 -12.29 -23.45 -6.79
C MET B 378 -12.28 -23.25 -8.31
N GLY B 379 -13.42 -22.87 -8.88
CA GLY B 379 -13.47 -22.64 -10.32
C GLY B 379 -12.51 -21.53 -10.76
N PHE B 380 -12.39 -20.48 -9.96
CA PHE B 380 -11.49 -19.38 -10.28
C PHE B 380 -10.03 -19.82 -10.23
N VAL B 381 -9.68 -20.62 -9.22
CA VAL B 381 -8.32 -21.10 -9.05
C VAL B 381 -7.90 -21.91 -10.28
N ILE B 382 -8.76 -22.84 -10.66
CA ILE B 382 -8.50 -23.70 -11.81
C ILE B 382 -8.41 -22.87 -13.10
N ASN B 383 -9.33 -21.93 -13.29
CA ASN B 383 -9.28 -21.12 -14.50
C ASN B 383 -8.05 -20.21 -14.56
N ALA B 384 -7.57 -19.77 -13.41
CA ALA B 384 -6.37 -18.93 -13.36
C ALA B 384 -5.20 -19.76 -13.87
N ILE B 385 -5.17 -21.04 -13.47
CA ILE B 385 -4.10 -21.93 -13.89
C ILE B 385 -4.22 -22.19 -15.39
N TYR B 386 -5.43 -22.41 -15.88
CA TYR B 386 -5.64 -22.62 -17.31
C TYR B 386 -5.27 -21.38 -18.12
N ALA B 387 -5.50 -20.19 -17.56
CA ALA B 387 -5.15 -18.97 -18.28
C ALA B 387 -3.63 -18.91 -18.50
N MET B 388 -2.86 -19.28 -17.49
CA MET B 388 -1.40 -19.28 -17.58
C MET B 388 -0.98 -20.25 -18.70
N ALA B 389 -1.55 -21.45 -18.69
CA ALA B 389 -1.25 -22.46 -19.71
C ALA B 389 -1.58 -21.99 -21.13
N HIS B 390 -2.70 -21.29 -21.29
CA HIS B 390 -3.10 -20.79 -22.61
C HIS B 390 -2.17 -19.66 -23.06
N GLY B 391 -1.71 -18.85 -22.12
CA GLY B 391 -0.80 -17.77 -22.49
C GLY B 391 0.51 -18.35 -23.00
N LEU B 392 0.95 -19.45 -22.39
CA LEU B 392 2.19 -20.10 -22.76
C LEU B 392 2.01 -20.77 -24.12
N GLN B 393 0.84 -21.38 -24.31
CA GLN B 393 0.52 -22.04 -25.57
C GLN B 393 0.52 -21.03 -26.69
N ASN B 394 -0.18 -19.92 -26.49
CA ASN B 394 -0.24 -18.88 -27.51
C ASN B 394 1.14 -18.32 -27.82
N MET B 395 1.98 -18.17 -26.80
CA MET B 395 3.33 -17.66 -27.01
C MET B 395 4.13 -18.65 -27.84
N HIS B 396 3.96 -19.94 -27.55
CA HIS B 396 4.67 -20.97 -28.28
C HIS B 396 4.30 -21.00 -29.75
N HIS B 397 3.01 -20.86 -30.05
CA HIS B 397 2.53 -20.87 -31.43
C HIS B 397 3.11 -19.72 -32.22
N ALA B 398 3.27 -18.58 -31.57
CA ALA B 398 3.79 -17.40 -32.23
C ALA B 398 5.31 -17.32 -32.27
N LEU B 399 5.98 -17.72 -31.20
CA LEU B 399 7.44 -17.63 -31.13
C LEU B 399 8.19 -18.87 -31.58
N CYS B 400 7.54 -20.02 -31.53
CA CYS B 400 8.19 -21.27 -31.91
C CYS B 400 7.33 -22.08 -32.91
N PRO B 401 6.92 -21.44 -34.01
CA PRO B 401 6.10 -22.14 -35.01
C PRO B 401 6.83 -23.35 -35.62
N GLY B 402 6.17 -24.50 -35.59
CA GLY B 402 6.76 -25.70 -36.16
C GLY B 402 7.61 -26.53 -35.20
N HIS B 403 7.82 -26.02 -34.00
CA HIS B 403 8.63 -26.73 -33.01
C HIS B 403 7.75 -27.57 -32.10
N VAL B 404 8.21 -28.77 -31.77
CA VAL B 404 7.45 -29.65 -30.90
C VAL B 404 7.55 -29.07 -29.49
N GLY B 405 8.78 -28.92 -29.00
CA GLY B 405 9.00 -28.38 -27.68
C GLY B 405 9.37 -26.92 -27.71
N LEU B 406 9.93 -26.44 -26.61
CA LEU B 406 10.34 -25.05 -26.48
C LEU B 406 11.53 -24.76 -27.38
N CYS B 407 11.54 -23.60 -28.01
CA CYS B 407 12.66 -23.23 -28.86
C CYS B 407 13.42 -22.10 -28.20
N ASP B 408 14.54 -21.70 -28.79
CA ASP B 408 15.38 -20.64 -28.25
C ASP B 408 14.64 -19.37 -27.89
N ALA B 409 13.62 -19.02 -28.66
CA ALA B 409 12.84 -17.82 -28.38
C ALA B 409 12.17 -17.94 -27.02
N MET B 410 12.07 -19.17 -26.51
CA MET B 410 11.45 -19.40 -25.22
C MET B 410 12.40 -19.99 -24.19
N LYS B 411 13.69 -19.71 -24.38
CA LYS B 411 14.73 -20.18 -23.47
C LYS B 411 15.67 -19.00 -23.19
N PRO B 412 15.38 -18.22 -22.15
CA PRO B 412 14.25 -18.37 -21.23
C PRO B 412 12.98 -17.69 -21.75
N ILE B 413 11.88 -17.86 -21.02
CA ILE B 413 10.62 -17.23 -21.40
C ILE B 413 10.73 -15.76 -21.09
N ASP B 414 10.35 -14.92 -22.05
CA ASP B 414 10.38 -13.48 -21.88
C ASP B 414 9.07 -13.05 -21.20
N GLY B 415 9.13 -12.80 -19.89
CA GLY B 415 7.94 -12.41 -19.15
C GLY B 415 7.18 -11.24 -19.73
N ARG B 416 7.89 -10.29 -20.32
CA ARG B 416 7.25 -9.13 -20.91
C ARG B 416 6.39 -9.56 -22.09
N LYS B 417 6.86 -10.55 -22.84
CA LYS B 417 6.10 -11.06 -23.98
C LYS B 417 4.95 -11.92 -23.49
N LEU B 418 5.22 -12.78 -22.51
CA LEU B 418 4.18 -13.65 -21.97
C LEU B 418 3.00 -12.79 -21.51
N LEU B 419 3.28 -11.66 -20.89
CA LEU B 419 2.23 -10.76 -20.43
C LEU B 419 1.32 -10.33 -21.58
N ASP B 420 1.92 -10.02 -22.73
CA ASP B 420 1.15 -9.60 -23.91
C ASP B 420 0.25 -10.75 -24.39
N PHE B 421 0.81 -11.95 -24.46
CA PHE B 421 0.05 -13.11 -24.90
C PHE B 421 -1.07 -13.48 -23.93
N LEU B 422 -0.82 -13.36 -22.63
CA LEU B 422 -1.84 -13.66 -21.61
C LEU B 422 -3.04 -12.75 -21.78
N ILE B 423 -2.78 -11.46 -21.84
CA ILE B 423 -3.83 -10.45 -21.97
C ILE B 423 -4.76 -10.71 -23.15
N LYS B 424 -4.23 -11.24 -24.24
CA LYS B 424 -5.03 -11.51 -25.42
C LYS B 424 -5.56 -12.94 -25.52
N SER B 425 -5.28 -13.75 -24.50
CA SER B 425 -5.73 -15.13 -24.48
C SER B 425 -7.19 -15.24 -24.03
N SER B 426 -7.92 -16.19 -24.60
CA SER B 426 -9.30 -16.43 -24.19
C SER B 426 -9.58 -17.92 -24.36
N PHE B 427 -10.49 -18.44 -23.56
CA PHE B 427 -10.81 -19.85 -23.64
C PHE B 427 -12.07 -20.15 -22.86
N VAL B 428 -12.49 -21.42 -22.86
CA VAL B 428 -13.69 -21.82 -22.13
C VAL B 428 -13.25 -22.42 -20.80
N GLY B 429 -13.72 -21.81 -19.71
CA GLY B 429 -13.37 -22.26 -18.38
C GLY B 429 -13.89 -23.61 -17.93
N VAL B 430 -13.44 -24.03 -16.76
CA VAL B 430 -13.81 -25.32 -16.17
C VAL B 430 -15.31 -25.51 -15.97
N SER B 431 -16.04 -24.40 -15.83
CA SER B 431 -17.47 -24.49 -15.65
C SER B 431 -18.24 -24.04 -16.91
N GLY B 432 -17.54 -23.97 -18.04
CA GLY B 432 -18.19 -23.56 -19.27
C GLY B 432 -18.29 -22.06 -19.52
N GLU B 433 -17.77 -21.26 -18.59
CA GLU B 433 -17.81 -19.81 -18.75
C GLU B 433 -16.69 -19.42 -19.70
N GLU B 434 -16.83 -18.28 -20.36
CA GLU B 434 -15.78 -17.81 -21.25
C GLU B 434 -14.80 -16.93 -20.48
N VAL B 435 -13.53 -17.31 -20.53
CA VAL B 435 -12.49 -16.57 -19.83
C VAL B 435 -11.66 -15.74 -20.81
N TRP B 436 -11.56 -14.45 -20.51
CA TRP B 436 -10.78 -13.51 -21.32
C TRP B 436 -10.47 -12.32 -20.42
N PHE B 437 -9.58 -11.44 -20.90
CA PHE B 437 -9.16 -10.26 -20.14
C PHE B 437 -9.24 -9.00 -20.98
N ASP B 438 -9.58 -7.87 -20.36
CA ASP B 438 -9.59 -6.63 -21.11
C ASP B 438 -8.16 -6.10 -21.06
N GLU B 439 -7.93 -4.92 -21.63
CA GLU B 439 -6.60 -4.33 -21.67
C GLU B 439 -5.95 -4.14 -20.30
N LYS B 440 -6.76 -4.01 -19.25
CA LYS B 440 -6.23 -3.83 -17.91
C LYS B 440 -6.07 -5.17 -17.18
N GLY B 441 -6.35 -6.26 -17.86
CA GLY B 441 -6.22 -7.56 -17.24
C GLY B 441 -7.41 -7.95 -16.36
N ASP B 442 -8.53 -7.24 -16.50
CA ASP B 442 -9.71 -7.53 -15.72
C ASP B 442 -10.64 -8.54 -16.39
N ALA B 443 -11.40 -9.23 -15.57
CA ALA B 443 -12.29 -10.28 -16.03
C ALA B 443 -13.77 -9.91 -16.01
N PRO B 444 -14.59 -10.67 -16.74
CA PRO B 444 -16.02 -10.36 -16.74
C PRO B 444 -16.56 -10.81 -15.38
N GLY B 445 -17.75 -10.36 -15.03
CA GLY B 445 -18.31 -10.75 -13.74
C GLY B 445 -19.67 -11.42 -13.82
N ARG B 446 -19.86 -12.44 -12.99
CA ARG B 446 -21.12 -13.16 -12.93
C ARG B 446 -21.53 -13.29 -11.46
N TYR B 447 -22.60 -12.61 -11.09
CA TYR B 447 -23.07 -12.63 -9.71
C TYR B 447 -24.49 -13.19 -9.57
N ASP B 448 -24.79 -13.66 -8.36
CA ASP B 448 -26.14 -14.14 -8.03
C ASP B 448 -26.78 -12.99 -7.26
N ILE B 449 -28.08 -12.83 -7.42
CA ILE B 449 -28.83 -11.80 -6.71
C ILE B 449 -29.72 -12.53 -5.71
N MET B 450 -29.57 -12.18 -4.42
CA MET B 450 -30.36 -12.82 -3.38
C MET B 450 -31.38 -11.84 -2.79
N ASN B 451 -32.43 -12.39 -2.19
CA ASN B 451 -33.48 -11.59 -1.55
C ASN B 451 -33.88 -12.33 -0.27
N LEU B 452 -33.67 -11.68 0.87
CA LEU B 452 -34.02 -12.30 2.14
C LEU B 452 -35.54 -12.35 2.25
N GLN B 453 -36.07 -13.55 2.48
CA GLN B 453 -37.52 -13.74 2.59
C GLN B 453 -37.92 -14.71 3.69
N TYR B 454 -39.20 -14.66 4.04
CA TYR B 454 -39.77 -15.55 5.05
C TYR B 454 -40.51 -16.62 4.23
N THR B 455 -39.91 -17.80 4.11
CA THR B 455 -40.52 -18.88 3.34
C THR B 455 -41.81 -19.45 3.90
N GLU B 456 -42.37 -20.44 3.20
CA GLU B 456 -43.60 -21.09 3.62
C GLU B 456 -43.46 -21.71 5.01
N ALA B 457 -42.22 -21.91 5.43
CA ALA B 457 -41.94 -22.45 6.75
C ALA B 457 -41.60 -21.27 7.65
N ASN B 458 -41.60 -21.49 8.96
CA ASN B 458 -41.27 -20.42 9.90
C ASN B 458 -39.77 -20.15 9.87
N ARG B 459 -39.26 -19.82 8.69
CA ARG B 459 -37.82 -19.57 8.53
C ARG B 459 -37.51 -18.46 7.52
N TYR B 460 -36.35 -17.85 7.68
CA TYR B 460 -35.89 -16.78 6.80
C TYR B 460 -34.76 -17.31 5.93
N ASP B 461 -34.95 -17.28 4.62
CA ASP B 461 -33.95 -17.78 3.69
C ASP B 461 -33.53 -16.74 2.66
N TYR B 462 -32.28 -16.86 2.21
CA TYR B 462 -31.74 -16.05 1.17
C TYR B 462 -32.19 -16.63 -0.13
N VAL B 463 -33.27 -16.11 -0.71
CA VAL B 463 -33.81 -16.66 -1.95
C VAL B 463 -33.13 -16.12 -3.21
N HIS B 464 -32.72 -17.04 -4.09
CA HIS B 464 -32.07 -16.69 -5.36
C HIS B 464 -33.16 -16.09 -6.26
N VAL B 465 -33.00 -14.83 -6.62
CA VAL B 465 -34.00 -14.17 -7.46
C VAL B 465 -33.47 -13.66 -8.79
N GLY B 466 -32.20 -13.91 -9.07
CA GLY B 466 -31.63 -13.47 -10.33
C GLY B 466 -30.12 -13.61 -10.45
N THR B 467 -29.58 -13.04 -11.51
CA THR B 467 -28.15 -13.09 -11.77
C THR B 467 -27.79 -11.83 -12.55
N TRP B 468 -26.53 -11.45 -12.46
CA TRP B 468 -26.03 -10.33 -13.23
C TRP B 468 -24.99 -11.10 -14.04
N HIS B 469 -25.28 -11.30 -15.32
CA HIS B 469 -24.41 -12.07 -16.19
C HIS B 469 -23.62 -11.17 -17.14
N GLU B 470 -22.38 -10.89 -16.74
CA GLU B 470 -21.48 -10.08 -17.55
C GLU B 470 -22.13 -8.84 -18.18
N GLY B 471 -22.80 -8.03 -17.38
CA GLY B 471 -23.41 -6.82 -17.91
C GLY B 471 -24.93 -6.84 -18.03
N VAL B 472 -25.52 -8.03 -18.03
CA VAL B 472 -26.97 -8.13 -18.16
C VAL B 472 -27.62 -8.56 -16.85
N LEU B 473 -28.58 -7.75 -16.40
CA LEU B 473 -29.29 -8.01 -15.16
C LEU B 473 -30.52 -8.88 -15.42
N ASN B 474 -30.56 -10.06 -14.82
CA ASN B 474 -31.69 -10.97 -14.97
C ASN B 474 -32.34 -11.15 -13.60
N ILE B 475 -33.53 -10.58 -13.42
CA ILE B 475 -34.23 -10.69 -12.15
C ILE B 475 -35.67 -11.15 -12.29
N ASP B 476 -36.12 -11.97 -11.35
CA ASP B 476 -37.49 -12.47 -11.33
C ASP B 476 -38.30 -11.48 -10.49
N ASP B 477 -38.72 -10.39 -11.13
CA ASP B 477 -39.47 -9.33 -10.47
C ASP B 477 -40.61 -9.76 -9.56
N TYR B 478 -41.21 -10.91 -9.83
CA TYR B 478 -42.32 -11.36 -8.99
C TYR B 478 -41.85 -11.96 -7.68
N LYS B 479 -40.69 -12.60 -7.69
CA LYS B 479 -40.14 -13.21 -6.48
C LYS B 479 -39.71 -12.17 -5.46
N ILE B 480 -39.45 -10.95 -5.92
CA ILE B 480 -39.04 -9.87 -5.04
C ILE B 480 -40.25 -9.16 -4.43
C1 NAG C . 43.44 3.68 15.03
C2 NAG C . 44.88 3.18 14.88
C3 NAG C . 45.88 4.34 15.05
C4 NAG C . 45.52 5.49 14.11
C5 NAG C . 44.07 5.90 14.32
C6 NAG C . 43.63 6.98 13.34
C7 NAG C . 45.18 0.87 15.51
C8 NAG C . 45.48 -0.15 16.60
N2 NAG C . 45.16 2.15 15.87
O3 NAG C . 47.20 3.88 14.77
O4 NAG C . 46.39 6.59 14.35
O5 NAG C . 43.19 4.77 14.12
O6 NAG C . 43.66 8.27 13.94
O7 NAG C . 44.98 0.50 14.35
C1 NAG D . -13.10 32.47 20.50
C2 NAG D . -12.29 33.77 20.64
C3 NAG D . -12.25 34.19 22.11
C4 NAG D . -13.68 34.30 22.66
C5 NAG D . -14.42 32.98 22.43
C6 NAG D . -15.86 33.03 22.90
C7 NAG D . -10.62 33.98 18.91
C8 NAG D . -9.18 33.78 18.48
N2 NAG D . -10.94 33.59 20.15
O3 NAG D . -11.58 35.43 22.26
O4 NAG D . -13.63 34.59 24.05
O5 NAG D . -14.42 32.65 21.03
O6 NAG D . -16.64 33.91 22.11
O7 NAG D . -11.44 34.49 18.14
MG MG E . 35.20 7.64 14.09
N GLU F . 6.07 13.54 6.81
CA GLU F . 5.77 13.18 5.40
C GLU F . 5.67 11.66 5.23
O GLU F . 5.47 11.20 4.09
CB GLU F . 6.85 13.73 4.47
CG GLU F . 6.80 15.25 4.32
CD GLU F . 8.00 15.81 3.56
OE1 GLU F . 9.13 15.61 4.04
OE2 GLU F . 7.81 16.45 2.51
OXT GLU F . 5.79 10.95 6.23
N1 EPE G . -1.65 7.00 -10.22
C2 EPE G . -2.66 6.32 -9.40
C3 EPE G . -4.06 6.69 -9.87
N4 EPE G . -4.23 6.30 -11.29
C5 EPE G . -3.19 6.95 -12.12
C6 EPE G . -1.81 6.57 -11.62
C7 EPE G . -5.57 6.70 -11.74
C8 EPE G . -5.84 6.14 -13.15
O8 EPE G . -5.86 4.73 -13.10
C9 EPE G . -0.31 6.66 -9.76
C10 EPE G . 0.17 7.71 -8.77
S EPE G . 1.84 7.39 -8.22
O1S EPE G . 1.89 6.03 -7.45
O2S EPE G . 2.31 8.55 -7.27
O3S EPE G . 2.79 7.32 -9.48
C1 NAG H . 3.91 -35.25 -28.90
C2 NAG H . 4.77 -36.46 -29.31
C3 NAG H . 3.92 -37.55 -29.97
C4 NAG H . 2.72 -37.90 -29.07
C5 NAG H . 1.95 -36.62 -28.74
C6 NAG H . 0.76 -36.86 -27.82
C7 NAG H . 7.10 -36.22 -29.89
C8 NAG H . 8.15 -35.74 -30.88
N2 NAG H . 5.82 -36.04 -30.21
O3 NAG H . 4.70 -38.71 -30.19
O4 NAG H . 1.87 -38.82 -29.74
O5 NAG H . 2.82 -35.68 -28.07
O6 NAG H . 1.04 -37.84 -26.83
O7 NAG H . 7.46 -36.75 -28.83
C1 NAG I . -39.80 1.99 -15.09
C2 NAG I . -40.90 0.92 -15.16
C3 NAG I . -41.23 0.64 -16.62
C4 NAG I . -41.58 1.92 -17.36
C5 NAG I . -40.46 2.96 -17.17
C6 NAG I . -40.80 4.31 -17.79
C7 NAG I . -40.97 -0.61 -13.30
C8 NAG I . -40.46 -1.90 -12.66
N2 NAG I . -40.46 -0.28 -14.48
O3 NAG I . -42.31 -0.28 -16.70
O4 NAG I . -41.74 1.65 -18.75
O5 NAG I . -40.22 3.19 -15.76
O6 NAG I . -42.07 4.77 -17.35
O7 NAG I . -41.81 0.08 -12.72
MG MG J . -0.54 -30.56 -22.29
N GLU K . -11.99 -10.47 -2.60
CA GLU K . -11.18 -10.44 -1.34
C GLU K . -9.93 -9.61 -1.54
O GLU K . -9.10 -9.53 -0.61
CB GLU K . -10.81 -11.87 -0.92
CG GLU K . -12.04 -12.75 -0.64
CD GLU K . -11.67 -14.12 -0.10
OE1 GLU K . -11.29 -15.01 -0.90
OE2 GLU K . -11.78 -14.32 1.12
OXT GLU K . -9.79 -9.02 -2.63
N1 EPE L . -14.00 -21.04 6.17
C2 EPE L . -14.03 -21.22 7.64
C3 EPE L . -15.48 -21.16 8.14
N4 EPE L . -16.27 -22.21 7.47
C5 EPE L . -16.25 -21.99 6.01
C6 EPE L . -14.81 -22.07 5.50
C7 EPE L . -17.65 -22.18 7.96
C8 EPE L . -18.17 -23.60 8.13
O8 EPE L . -18.11 -24.28 6.89
C9 EPE L . -12.59 -21.14 5.71
C10 EPE L . -12.02 -22.49 6.13
S EPE L . -10.27 -22.56 5.91
O1S EPE L . -9.60 -21.40 6.72
O2S EPE L . -9.91 -22.43 4.40
O3S EPE L . -9.73 -23.93 6.45
N1 EPE M . -14.09 -7.42 10.91
C2 EPE M . -14.46 -6.00 11.02
C3 EPE M . -13.90 -5.43 12.31
N4 EPE M . -12.42 -5.56 12.32
C5 EPE M . -12.04 -6.98 12.17
C6 EPE M . -12.62 -7.54 10.88
C7 EPE M . -11.89 -5.02 13.58
C8 EPE M . -10.37 -4.86 13.47
O8 EPE M . -9.87 -4.30 14.67
C9 EPE M . -14.66 -8.01 9.70
C10 EPE M . -16.18 -8.13 9.85
S EPE M . -16.94 -8.84 8.41
O1S EPE M . -17.02 -10.40 8.56
O2S EPE M . -16.07 -8.49 7.15
O3S EPE M . -18.38 -8.25 8.23
#